data_1WBL
#
_entry.id   1WBL
#
_cell.length_a   157.585
_cell.length_b   91.908
_cell.length_c   73.283
_cell.angle_alpha   90.00
_cell.angle_beta   90.00
_cell.angle_gamma   90.00
#
_symmetry.space_group_name_H-M   'P 21 21 2'
#
loop_
_entity.id
_entity.type
_entity.pdbx_description
1 polymer 'WINGED BEAN LECTIN'
2 branched alpha-L-fucopyranose-(1-3)-[2-acetamido-2-deoxy-beta-D-glucopyranose-(1-4)]2-acetamido-2-deoxy-beta-D-glucopyranose
3 branched 2-acetamido-2-deoxy-beta-D-glucopyranose-(1-4)-2-acetamido-2-deoxy-beta-D-glucopyranose
4 non-polymer 'methyl alpha-D-galactopyranoside'
5 non-polymer 'MANGANESE (II) ION'
6 non-polymer 'CALCIUM ION'
7 water water
#
_entity_poly.entity_id   1
_entity_poly.type   'polypeptide(L)'
_entity_poly.pdbx_seq_one_letter_code
;KTISFNFNQFHQNEEQLKLQRDARISSNSVLELTKVVNGVPTWNSTGRALYAKPVQVWDSTTGNVASFETRFSFSIRQPF
PRPHPADGLVFFIAPPNTQTGEGGGYFGIYNPLSPYPFVAVEFDTFRNTWDPQIPHIGIDVNSVISTKTVPFTLDNGGIA
NVVIKYDASTKILHVVLVFPSLGTIYTIADIVDLKQVLPESVNVGFSAATGDPSGKQRNATETHDILSWSFSASLPGTNE
F
;
_entity_poly.pdbx_strand_id   A,B,C,D
#
loop_
_chem_comp.id
_chem_comp.type
_chem_comp.name
_chem_comp.formula
AMG D-saccharide 'methyl alpha-D-galactopyranoside' 'C7 H14 O6'
CA non-polymer 'CALCIUM ION' 'Ca 2'
FUC L-saccharide, alpha linking alpha-L-fucopyranose 'C6 H12 O5'
MN non-polymer 'MANGANESE (II) ION' 'Mn 2'
NAG D-saccharide, beta linking 2-acetamido-2-deoxy-beta-D-glucopyranose 'C8 H15 N O6'
#
# COMPACT_ATOMS: atom_id res chain seq x y z
N LYS A 1 16.36 -4.05 -11.80
CA LYS A 1 16.78 -3.66 -13.17
C LYS A 1 16.17 -2.31 -13.48
N THR A 2 16.90 -1.49 -14.23
CA THR A 2 16.44 -0.16 -14.63
C THR A 2 16.60 0.03 -16.13
N ILE A 3 15.55 0.52 -16.79
CA ILE A 3 15.62 0.77 -18.22
C ILE A 3 15.20 2.20 -18.51
N SER A 4 15.92 2.87 -19.40
CA SER A 4 15.60 4.24 -19.76
C SER A 4 16.16 4.63 -21.10
N PHE A 5 15.49 5.57 -21.75
CA PHE A 5 15.92 6.08 -23.04
C PHE A 5 15.39 7.49 -23.14
N ASN A 6 15.92 8.25 -24.09
CA ASN A 6 15.50 9.63 -24.29
C ASN A 6 15.59 10.03 -25.75
N PHE A 7 14.53 10.64 -26.24
CA PHE A 7 14.49 11.12 -27.60
C PHE A 7 14.29 12.61 -27.53
N ASN A 8 15.34 13.36 -27.81
CA ASN A 8 15.29 14.83 -27.82
C ASN A 8 14.60 15.30 -29.08
N GLN A 9 14.59 14.43 -30.07
CA GLN A 9 13.96 14.64 -31.36
C GLN A 9 14.21 13.33 -32.08
N PHE A 10 13.34 13.01 -33.02
CA PHE A 10 13.45 11.78 -33.77
C PHE A 10 14.19 11.96 -35.08
N HIS A 11 14.97 10.97 -35.47
CA HIS A 11 15.71 11.04 -36.72
C HIS A 11 15.04 10.07 -37.67
N GLN A 12 15.21 10.31 -38.97
CA GLN A 12 14.61 9.43 -39.96
C GLN A 12 15.17 8.02 -39.74
N ASN A 13 14.29 7.02 -39.84
CA ASN A 13 14.65 5.62 -39.63
C ASN A 13 15.44 5.39 -38.35
N GLU A 14 14.81 5.77 -37.25
CA GLU A 14 15.37 5.60 -35.92
C GLU A 14 15.33 4.10 -35.64
N GLU A 15 16.50 3.50 -35.44
CA GLU A 15 16.60 2.05 -35.17
C GLU A 15 15.95 1.63 -33.85
N GLN A 16 15.84 2.57 -32.92
CA GLN A 16 15.26 2.32 -31.60
C GLN A 16 13.74 2.30 -31.57
N LEU A 17 13.11 2.69 -32.67
CA LEU A 17 11.66 2.73 -32.75
C LEU A 17 11.13 1.79 -33.81
N LYS A 18 9.86 1.44 -33.67
CA LYS A 18 9.19 0.55 -34.60
C LYS A 18 7.97 1.29 -35.05
N LEU A 19 8.01 1.81 -36.27
CA LEU A 19 6.86 2.52 -36.81
C LEU A 19 5.94 1.51 -37.46
N GLN A 20 4.65 1.76 -37.35
CA GLN A 20 3.68 0.88 -37.94
C GLN A 20 2.61 1.70 -38.63
N ARG A 21 2.08 1.15 -39.71
CA ARG A 21 1.04 1.81 -40.51
C ARG A 21 1.49 3.16 -41.00
N ASP A 22 0.65 4.18 -40.85
CA ASP A 22 0.96 5.51 -41.36
C ASP A 22 2.04 6.29 -40.67
N ALA A 23 2.41 5.90 -39.46
CA ALA A 23 3.42 6.64 -38.70
C ALA A 23 4.74 6.83 -39.46
N ARG A 24 5.28 8.03 -39.39
CA ARG A 24 6.52 8.32 -40.05
C ARG A 24 7.22 9.43 -39.28
N ILE A 25 8.50 9.63 -39.60
CA ILE A 25 9.31 10.65 -38.95
C ILE A 25 9.75 11.61 -40.04
N SER A 26 9.28 12.85 -39.94
CA SER A 26 9.58 13.87 -40.92
C SER A 26 11.03 14.29 -40.84
N SER A 27 11.47 15.00 -41.88
CA SER A 27 12.82 15.52 -41.97
C SER A 27 13.10 16.52 -40.84
N ASN A 28 12.05 17.17 -40.35
CA ASN A 28 12.17 18.14 -39.28
C ASN A 28 12.31 17.49 -37.89
N SER A 29 12.59 16.19 -37.86
CA SER A 29 12.76 15.50 -36.60
C SER A 29 11.51 15.28 -35.74
N VAL A 30 10.34 15.27 -36.36
CA VAL A 30 9.10 15.06 -35.62
C VAL A 30 8.46 13.74 -36.00
N LEU A 31 7.79 13.14 -35.03
CA LEU A 31 7.13 11.86 -35.24
C LEU A 31 5.65 12.10 -35.51
N GLU A 32 5.26 11.84 -36.76
CA GLU A 32 3.88 12.02 -37.21
C GLU A 32 3.22 10.64 -37.26
N LEU A 33 2.40 10.35 -36.26
CA LEU A 33 1.72 9.08 -36.15
C LEU A 33 0.74 8.90 -37.28
N THR A 34 0.00 9.96 -37.57
CA THR A 34 -1.00 9.96 -38.63
C THR A 34 -0.57 10.82 -39.82
N LYS A 35 -0.93 10.37 -41.02
CA LYS A 35 -0.62 10.99 -42.31
C LYS A 35 -0.98 12.48 -42.45
N VAL A 36 -0.10 13.21 -43.10
CA VAL A 36 -0.29 14.63 -43.34
C VAL A 36 0.41 14.85 -44.66
N VAL A 37 -0.38 15.13 -45.69
CA VAL A 37 0.15 15.34 -47.03
C VAL A 37 0.19 16.82 -47.40
N ASN A 38 1.40 17.32 -47.57
CA ASN A 38 1.61 18.72 -47.95
C ASN A 38 0.99 19.65 -46.92
N GLY A 39 1.35 19.44 -45.66
CA GLY A 39 0.85 20.28 -44.58
C GLY A 39 -0.61 20.12 -44.21
N VAL A 40 -1.27 19.12 -44.79
CA VAL A 40 -2.68 18.92 -44.48
C VAL A 40 -2.96 17.52 -43.97
N PRO A 41 -3.51 17.43 -42.75
CA PRO A 41 -3.84 16.12 -42.17
C PRO A 41 -4.92 15.42 -43.00
N THR A 42 -4.78 14.12 -43.20
CA THR A 42 -5.74 13.33 -43.97
C THR A 42 -6.61 12.52 -43.03
N TRP A 43 -7.79 12.13 -43.50
CA TRP A 43 -8.67 11.31 -42.69
C TRP A 43 -8.23 9.89 -43.00
N ASN A 44 -8.94 8.91 -42.43
CA ASN A 44 -8.63 7.52 -42.69
C ASN A 44 -7.15 7.20 -42.45
N SER A 45 -6.63 7.62 -41.30
CA SER A 45 -5.23 7.36 -40.97
C SER A 45 -5.03 6.78 -39.58
N THR A 46 -4.05 5.91 -39.46
CA THR A 46 -3.72 5.28 -38.19
C THR A 46 -2.23 4.99 -38.21
N GLY A 47 -1.57 5.24 -37.09
CA GLY A 47 -0.15 4.97 -37.01
C GLY A 47 0.25 4.67 -35.58
N ARG A 48 1.31 3.88 -35.44
CA ARG A 48 1.84 3.50 -34.13
C ARG A 48 3.34 3.57 -34.16
N ALA A 49 3.92 3.77 -32.99
CA ALA A 49 5.36 3.83 -32.86
C ALA A 49 5.62 3.18 -31.52
N LEU A 50 6.42 2.14 -31.53
CA LEU A 50 6.74 1.44 -30.30
C LEU A 50 8.25 1.45 -30.14
N TYR A 51 8.71 1.41 -28.90
CA TYR A 51 10.13 1.38 -28.62
C TYR A 51 10.59 -0.05 -28.98
N ALA A 52 11.66 -0.13 -29.77
CA ALA A 52 12.19 -1.39 -30.27
C ALA A 52 12.31 -2.58 -29.32
N LYS A 53 12.66 -2.33 -28.06
CA LYS A 53 12.85 -3.41 -27.09
C LYS A 53 11.73 -3.49 -26.09
N PRO A 54 11.43 -4.69 -25.62
CA PRO A 54 10.36 -4.86 -24.64
C PRO A 54 10.87 -4.50 -23.24
N VAL A 55 9.99 -3.97 -22.41
CA VAL A 55 10.40 -3.62 -21.06
C VAL A 55 9.65 -4.55 -20.12
N GLN A 56 10.23 -4.82 -18.97
CA GLN A 56 9.61 -5.70 -17.99
C GLN A 56 8.85 -4.90 -16.93
N VAL A 57 7.52 -5.02 -16.90
CA VAL A 57 6.72 -4.30 -15.92
C VAL A 57 6.50 -5.05 -14.60
N TRP A 58 6.83 -6.34 -14.59
CA TRP A 58 6.73 -7.16 -13.38
C TRP A 58 7.43 -8.49 -13.56
N ASP A 59 7.69 -9.15 -12.43
CA ASP A 59 8.39 -10.40 -12.43
C ASP A 59 7.59 -11.38 -11.61
N SER A 60 7.22 -12.51 -12.21
CA SER A 60 6.44 -13.55 -11.53
C SER A 60 7.21 -14.23 -10.39
N THR A 61 8.51 -14.39 -10.57
CA THR A 61 9.35 -15.02 -9.57
C THR A 61 9.28 -14.32 -8.21
N THR A 62 9.44 -12.99 -8.23
CA THR A 62 9.38 -12.18 -7.01
C THR A 62 8.00 -11.56 -6.79
N GLY A 63 7.25 -11.41 -7.87
CA GLY A 63 5.93 -10.79 -7.80
C GLY A 63 6.07 -9.27 -7.74
N ASN A 64 7.21 -8.74 -8.17
CA ASN A 64 7.48 -7.30 -8.14
C ASN A 64 7.04 -6.59 -9.40
N VAL A 65 6.28 -5.52 -9.23
CA VAL A 65 5.85 -4.75 -10.38
C VAL A 65 6.72 -3.48 -10.46
N ALA A 66 7.02 -3.05 -11.68
CA ALA A 66 7.85 -1.89 -11.94
C ALA A 66 7.17 -0.55 -11.77
N SER A 67 7.95 0.43 -11.37
CA SER A 67 7.48 1.80 -11.26
C SER A 67 8.08 2.47 -12.49
N PHE A 68 7.38 3.45 -13.06
CA PHE A 68 7.90 4.14 -14.23
C PHE A 68 7.47 5.59 -14.38
N GLU A 69 8.25 6.32 -15.18
CA GLU A 69 7.98 7.71 -15.47
C GLU A 69 8.31 7.96 -16.92
N THR A 70 7.39 8.57 -17.65
CA THR A 70 7.59 8.88 -19.06
C THR A 70 7.09 10.28 -19.30
N ARG A 71 7.84 11.01 -20.12
CA ARG A 71 7.52 12.39 -20.47
C ARG A 71 7.64 12.58 -21.98
N PHE A 72 6.66 13.25 -22.56
CA PHE A 72 6.69 13.49 -24.00
C PHE A 72 5.93 14.76 -24.33
N SER A 73 6.25 15.33 -25.48
CA SER A 73 5.59 16.53 -25.93
C SER A 73 4.89 16.22 -27.23
N PHE A 74 3.65 16.65 -27.36
CA PHE A 74 2.93 16.40 -28.60
C PHE A 74 2.38 17.71 -29.13
N SER A 75 1.84 17.67 -30.35
CA SER A 75 1.24 18.83 -30.98
C SER A 75 0.12 18.31 -31.85
N ILE A 76 -1.08 18.82 -31.60
CA ILE A 76 -2.27 18.46 -32.36
C ILE A 76 -2.77 19.73 -33.04
N ARG A 77 -2.65 19.78 -34.35
CA ARG A 77 -3.10 20.94 -35.11
C ARG A 77 -4.42 20.56 -35.80
N GLN A 78 -5.50 21.23 -35.43
CA GLN A 78 -6.84 20.97 -36.00
C GLN A 78 -7.16 22.07 -37.03
N PRO A 79 -6.77 21.87 -38.32
CA PRO A 79 -7.00 22.81 -39.42
C PRO A 79 -8.45 23.09 -39.80
N PHE A 80 -9.26 22.05 -39.88
CA PHE A 80 -10.65 22.20 -40.26
C PHE A 80 -11.49 21.94 -39.02
N PRO A 81 -11.94 23.02 -38.37
CA PRO A 81 -12.75 22.96 -37.16
C PRO A 81 -14.22 22.74 -37.40
N ARG A 82 -14.69 23.21 -38.55
CA ARG A 82 -16.10 23.13 -38.89
C ARG A 82 -16.85 21.83 -38.57
N PRO A 83 -16.52 20.73 -39.27
CA PRO A 83 -17.25 19.50 -38.95
C PRO A 83 -16.97 19.03 -37.53
N HIS A 84 -15.85 18.32 -37.36
CA HIS A 84 -15.45 17.81 -36.06
C HIS A 84 -14.13 17.04 -36.15
N PRO A 85 -13.08 17.55 -35.51
CA PRO A 85 -11.76 16.88 -35.53
C PRO A 85 -11.88 15.51 -34.91
N ALA A 86 -11.03 14.58 -35.35
CA ALA A 86 -11.04 13.22 -34.84
C ALA A 86 -9.69 12.60 -35.16
N ASP A 87 -9.22 11.66 -34.35
CA ASP A 87 -9.88 11.15 -33.15
C ASP A 87 -9.03 11.36 -31.87
N GLY A 88 -7.71 11.35 -32.04
CA GLY A 88 -6.82 11.56 -30.92
C GLY A 88 -5.61 10.67 -30.92
N LEU A 89 -4.81 10.74 -29.86
CA LEU A 89 -3.62 9.91 -29.70
C LEU A 89 -3.64 9.36 -28.31
N VAL A 90 -2.86 8.31 -28.11
CA VAL A 90 -2.76 7.64 -26.82
C VAL A 90 -1.33 7.20 -26.53
N PHE A 91 -0.98 7.16 -25.26
CA PHE A 91 0.30 6.60 -24.89
C PHE A 91 -0.19 5.25 -24.41
N PHE A 92 0.46 4.18 -24.83
CA PHE A 92 -0.04 2.90 -24.38
C PHE A 92 1.02 1.85 -24.12
N ILE A 93 0.67 0.93 -23.23
CA ILE A 93 1.53 -0.19 -22.88
C ILE A 93 0.71 -1.40 -23.32
N ALA A 94 1.31 -2.30 -24.08
CA ALA A 94 0.63 -3.51 -24.57
C ALA A 94 1.56 -4.73 -24.58
N PRO A 95 1.00 -5.93 -24.82
CA PRO A 95 1.85 -7.12 -24.83
C PRO A 95 2.77 -6.94 -26.02
N PRO A 96 3.94 -7.57 -26.00
CA PRO A 96 4.86 -7.41 -27.14
C PRO A 96 4.39 -8.09 -28.41
N ASN A 97 4.88 -7.59 -29.53
CA ASN A 97 4.57 -8.13 -30.85
C ASN A 97 3.11 -8.03 -31.32
N THR A 98 2.41 -6.96 -30.95
CA THR A 98 1.05 -6.78 -31.40
C THR A 98 1.04 -6.07 -32.75
N GLN A 99 -0.17 -5.86 -33.28
CA GLN A 99 -0.34 -5.18 -34.56
C GLN A 99 -1.40 -4.07 -34.42
N THR A 100 -1.36 -3.10 -35.32
CA THR A 100 -2.27 -1.99 -35.27
C THR A 100 -3.73 -2.41 -35.25
N GLY A 101 -4.45 -1.97 -34.22
CA GLY A 101 -5.85 -2.30 -34.12
C GLY A 101 -6.73 -1.50 -35.06
N GLU A 102 -7.95 -1.24 -34.58
CA GLU A 102 -8.94 -0.49 -35.34
C GLU A 102 -8.73 1.01 -35.17
N GLY A 103 -8.63 1.73 -36.29
CA GLY A 103 -8.45 3.16 -36.24
C GLY A 103 -9.70 3.83 -35.73
N GLY A 104 -9.88 5.10 -36.08
CA GLY A 104 -11.06 5.82 -35.64
C GLY A 104 -11.06 6.03 -34.14
N GLY A 105 -12.22 5.85 -33.53
CA GLY A 105 -12.36 6.02 -32.10
C GLY A 105 -11.61 5.02 -31.24
N TYR A 106 -10.99 4.01 -31.84
CA TYR A 106 -10.24 3.02 -31.09
C TYR A 106 -8.74 3.34 -31.12
N PHE A 107 -8.40 4.44 -31.80
CA PHE A 107 -7.03 4.93 -31.91
C PHE A 107 -6.01 3.96 -32.50
N GLY A 108 -6.45 2.77 -32.91
CA GLY A 108 -5.51 1.80 -33.46
C GLY A 108 -4.91 0.89 -32.40
N ILE A 109 -5.44 0.90 -31.18
CA ILE A 109 -4.91 0.04 -30.13
C ILE A 109 -5.88 -1.09 -29.79
N TYR A 110 -7.11 -1.02 -30.28
CA TYR A 110 -8.08 -2.05 -29.97
C TYR A 110 -8.53 -2.83 -31.21
N ASN A 111 -8.57 -4.16 -31.09
CA ASN A 111 -9.02 -5.03 -32.19
C ASN A 111 -10.17 -5.88 -31.67
N PRO A 112 -11.43 -5.50 -31.97
CA PRO A 112 -12.64 -6.21 -31.53
C PRO A 112 -12.73 -7.72 -31.79
N LEU A 113 -11.96 -8.24 -32.76
CA LEU A 113 -12.04 -9.66 -33.05
C LEU A 113 -10.89 -10.47 -32.47
N SER A 114 -9.93 -9.78 -31.86
CA SER A 114 -8.77 -10.43 -31.24
C SER A 114 -8.21 -9.42 -30.24
N PRO A 115 -8.98 -9.12 -29.19
CA PRO A 115 -8.58 -8.17 -28.15
C PRO A 115 -7.38 -8.57 -27.32
N TYR A 116 -6.45 -7.64 -27.15
CA TYR A 116 -5.30 -7.84 -26.27
C TYR A 116 -5.43 -6.80 -25.17
N PRO A 117 -4.90 -7.10 -23.99
CA PRO A 117 -5.01 -6.14 -22.90
C PRO A 117 -4.00 -5.01 -23.08
N PHE A 118 -4.34 -3.84 -22.54
CA PHE A 118 -3.47 -2.69 -22.64
C PHE A 118 -3.84 -1.69 -21.56
N VAL A 119 -2.92 -0.79 -21.28
CA VAL A 119 -3.15 0.29 -20.32
C VAL A 119 -2.72 1.47 -21.18
N ALA A 120 -3.63 2.41 -21.35
CA ALA A 120 -3.33 3.56 -22.19
C ALA A 120 -3.87 4.83 -21.59
N VAL A 121 -3.23 5.94 -21.97
CA VAL A 121 -3.65 7.27 -21.54
C VAL A 121 -4.01 7.95 -22.86
N GLU A 122 -5.25 8.39 -22.99
CA GLU A 122 -5.69 9.01 -24.23
C GLU A 122 -5.87 10.50 -24.17
N PHE A 123 -5.86 11.11 -25.35
CA PHE A 123 -6.04 12.53 -25.52
C PHE A 123 -7.06 12.55 -26.64
N ASP A 124 -8.31 12.39 -26.22
CA ASP A 124 -9.47 12.28 -27.10
C ASP A 124 -10.09 13.56 -27.66
N THR A 125 -10.01 13.72 -28.98
CA THR A 125 -10.54 14.88 -29.66
C THR A 125 -11.94 14.75 -30.27
N PHE A 126 -12.44 13.53 -30.46
CA PHE A 126 -13.76 13.29 -31.04
C PHE A 126 -14.67 12.51 -30.09
N ARG A 127 -15.93 12.92 -29.98
CA ARG A 127 -16.87 12.27 -29.08
C ARG A 127 -17.63 11.06 -29.62
N ASN A 128 -17.24 9.86 -29.19
CA ASN A 128 -17.94 8.65 -29.62
C ASN A 128 -19.09 8.42 -28.66
N THR A 129 -19.87 7.37 -28.92
CA THR A 129 -21.01 7.04 -28.08
C THR A 129 -20.65 6.95 -26.61
N TRP A 130 -19.58 6.20 -26.34
CA TRP A 130 -19.06 5.96 -25.00
C TRP A 130 -18.28 7.16 -24.43
N ASP A 131 -18.39 8.31 -25.08
CA ASP A 131 -17.65 9.48 -24.67
C ASP A 131 -18.34 10.61 -23.97
N PRO A 132 -17.59 11.33 -23.14
CA PRO A 132 -18.13 12.48 -22.42
C PRO A 132 -17.62 13.65 -23.30
N GLN A 133 -17.82 14.88 -22.87
CA GLN A 133 -17.37 16.04 -23.63
C GLN A 133 -15.89 15.92 -24.00
N ILE A 134 -15.54 16.37 -25.20
CA ILE A 134 -14.15 16.35 -25.67
C ILE A 134 -13.65 17.79 -25.89
N PRO A 135 -12.31 18.00 -25.91
CA PRO A 135 -11.28 16.98 -25.72
C PRO A 135 -11.15 16.56 -24.26
N HIS A 136 -10.53 15.41 -24.05
CA HIS A 136 -10.34 14.91 -22.71
C HIS A 136 -9.23 13.88 -22.59
N ILE A 137 -8.59 13.89 -21.43
CA ILE A 137 -7.55 12.93 -21.08
C ILE A 137 -8.34 11.80 -20.44
N GLY A 138 -8.01 10.57 -20.76
CA GLY A 138 -8.74 9.47 -20.14
C GLY A 138 -7.80 8.31 -19.89
N ILE A 139 -8.00 7.62 -18.77
CA ILE A 139 -7.19 6.46 -18.42
C ILE A 139 -7.98 5.22 -18.89
N ASP A 140 -7.40 4.49 -19.84
CA ASP A 140 -8.05 3.32 -20.41
C ASP A 140 -7.36 2.04 -20.00
N VAL A 141 -8.15 1.07 -19.55
CA VAL A 141 -7.63 -0.23 -19.13
C VAL A 141 -8.39 -1.31 -19.88
N ASN A 142 -7.72 -1.94 -20.85
CA ASN A 142 -8.28 -3.00 -21.69
C ASN A 142 -9.47 -2.61 -22.54
N SER A 143 -9.81 -1.33 -22.48
CA SER A 143 -10.96 -0.79 -23.21
C SER A 143 -10.69 0.66 -23.57
N VAL A 144 -11.50 1.18 -24.48
CA VAL A 144 -11.41 2.55 -24.94
C VAL A 144 -12.38 3.40 -24.14
N ILE A 145 -13.20 2.76 -23.30
CA ILE A 145 -14.12 3.50 -22.47
C ILE A 145 -13.43 3.69 -21.13
N SER A 146 -12.86 4.89 -20.98
CA SER A 146 -12.09 5.30 -19.82
C SER A 146 -12.69 5.01 -18.45
N THR A 147 -11.81 4.78 -17.49
CA THR A 147 -12.15 4.50 -16.11
C THR A 147 -12.26 5.85 -15.43
N LYS A 148 -11.40 6.77 -15.86
CA LYS A 148 -11.34 8.14 -15.35
C LYS A 148 -11.12 9.07 -16.55
N THR A 149 -11.77 10.24 -16.51
CA THR A 149 -11.66 11.20 -17.60
C THR A 149 -11.66 12.65 -17.11
N VAL A 150 -10.86 13.49 -17.74
CA VAL A 150 -10.81 14.90 -17.40
C VAL A 150 -10.77 15.76 -18.66
N PRO A 151 -11.71 16.69 -18.78
CA PRO A 151 -11.80 17.58 -19.93
C PRO A 151 -10.65 18.60 -19.95
N PHE A 152 -10.19 18.96 -21.14
CA PHE A 152 -9.11 19.92 -21.29
C PHE A 152 -9.27 20.68 -22.58
N THR A 153 -8.82 21.94 -22.58
CA THR A 153 -8.91 22.77 -23.75
C THR A 153 -7.60 22.66 -24.47
N LEU A 154 -7.66 22.35 -25.75
CA LEU A 154 -6.47 22.18 -26.56
C LEU A 154 -5.81 23.49 -27.00
N ASP A 155 -4.50 23.43 -27.20
CA ASP A 155 -3.74 24.56 -27.69
C ASP A 155 -3.53 24.10 -29.15
N ASN A 156 -4.49 24.47 -29.99
CA ASN A 156 -4.51 24.12 -31.41
C ASN A 156 -3.18 24.44 -32.13
N GLY A 157 -2.46 23.41 -32.54
CA GLY A 157 -1.20 23.62 -33.22
C GLY A 157 -0.10 23.83 -32.20
N GLY A 158 -0.50 24.12 -30.96
CA GLY A 158 0.47 24.34 -29.91
C GLY A 158 1.10 23.08 -29.38
N ILE A 159 2.06 23.25 -28.48
CA ILE A 159 2.79 22.14 -27.87
C ILE A 159 2.22 21.80 -26.51
N ALA A 160 2.21 20.51 -26.18
CA ALA A 160 1.72 20.05 -24.89
C ALA A 160 2.79 19.19 -24.25
N ASN A 161 2.93 19.30 -22.93
CA ASN A 161 3.91 18.52 -22.18
C ASN A 161 3.13 17.60 -21.28
N VAL A 162 3.44 16.32 -21.40
CA VAL A 162 2.76 15.32 -20.61
C VAL A 162 3.77 14.61 -19.73
N VAL A 163 3.31 14.27 -18.53
CA VAL A 163 4.13 13.56 -17.59
C VAL A 163 3.24 12.42 -17.12
N ILE A 164 3.68 11.19 -17.35
CA ILE A 164 2.91 10.02 -16.91
C ILE A 164 3.77 9.31 -15.86
N LYS A 165 3.20 9.03 -14.70
CA LYS A 165 3.96 8.41 -13.62
C LYS A 165 3.14 7.35 -12.92
N TYR A 166 3.74 6.19 -12.70
CA TYR A 166 3.06 5.09 -12.02
C TYR A 166 3.91 4.59 -10.85
N ASP A 167 3.36 4.64 -9.63
CA ASP A 167 4.04 4.15 -8.43
C ASP A 167 3.48 2.76 -8.11
N ALA A 168 4.35 1.75 -8.13
CA ALA A 168 3.95 0.37 -7.88
C ALA A 168 3.39 0.16 -6.49
N SER A 169 3.96 0.85 -5.51
CA SER A 169 3.52 0.74 -4.13
C SER A 169 2.09 1.17 -3.93
N THR A 170 1.71 2.29 -4.54
CA THR A 170 0.35 2.77 -4.38
C THR A 170 -0.56 2.33 -5.54
N LYS A 171 0.06 1.90 -6.63
CA LYS A 171 -0.64 1.45 -7.83
C LYS A 171 -1.29 2.64 -8.50
N ILE A 172 -0.80 3.84 -8.19
CA ILE A 172 -1.35 5.07 -8.76
C ILE A 172 -0.70 5.43 -10.09
N LEU A 173 -1.55 5.74 -11.08
CA LEU A 173 -1.10 6.19 -12.39
C LEU A 173 -1.57 7.62 -12.41
N HIS A 174 -0.63 8.55 -12.37
CA HIS A 174 -0.98 9.96 -12.37
C HIS A 174 -0.39 10.62 -13.60
N VAL A 175 -1.24 11.37 -14.32
CA VAL A 175 -0.80 12.05 -15.51
C VAL A 175 -1.05 13.56 -15.43
N VAL A 176 -0.12 14.30 -16.01
CA VAL A 176 -0.17 15.75 -16.03
C VAL A 176 -0.03 16.23 -17.45
N LEU A 177 -0.85 17.21 -17.80
CA LEU A 177 -0.84 17.80 -19.12
C LEU A 177 -0.70 19.30 -18.92
N VAL A 178 0.31 19.88 -19.54
CA VAL A 178 0.54 21.31 -19.40
C VAL A 178 0.68 21.93 -20.77
N PHE A 179 -0.04 23.02 -21.00
CA PHE A 179 0.06 23.76 -22.25
C PHE A 179 0.82 25.02 -21.90
N PRO A 180 2.14 25.03 -22.12
CA PRO A 180 3.02 26.15 -21.82
C PRO A 180 2.55 27.52 -22.32
N SER A 181 2.33 27.69 -23.61
CA SER A 181 1.86 28.96 -24.14
C SER A 181 0.58 29.43 -23.44
N LEU A 182 -0.31 28.49 -23.15
CA LEU A 182 -1.57 28.83 -22.48
C LEU A 182 -1.48 28.85 -20.96
N GLY A 183 -0.41 28.31 -20.39
CA GLY A 183 -0.27 28.28 -18.95
C GLY A 183 -1.35 27.44 -18.26
N THR A 184 -1.83 26.43 -18.95
CA THR A 184 -2.87 25.58 -18.38
C THR A 184 -2.28 24.27 -17.87
N ILE A 185 -2.90 23.71 -16.83
CA ILE A 185 -2.44 22.45 -16.20
C ILE A 185 -3.65 21.59 -15.89
N TYR A 186 -3.59 20.32 -16.31
CA TYR A 186 -4.70 19.38 -16.06
C TYR A 186 -4.08 18.12 -15.44
N THR A 187 -4.69 17.63 -14.37
CA THR A 187 -4.18 16.46 -13.68
C THR A 187 -5.27 15.38 -13.53
N ILE A 188 -4.90 14.12 -13.76
CA ILE A 188 -5.83 13.00 -13.63
C ILE A 188 -5.04 11.83 -13.10
N ALA A 189 -5.65 11.04 -12.23
CA ALA A 189 -4.93 9.91 -11.66
C ALA A 189 -5.89 8.77 -11.42
N ASP A 190 -5.38 7.56 -11.25
CA ASP A 190 -6.23 6.41 -11.01
C ASP A 190 -5.41 5.19 -10.60
N ILE A 191 -6.00 4.36 -9.74
CA ILE A 191 -5.36 3.14 -9.24
C ILE A 191 -5.49 2.06 -10.31
N VAL A 192 -4.35 1.64 -10.85
CA VAL A 192 -4.32 0.62 -11.88
C VAL A 192 -3.29 -0.43 -11.48
N ASP A 193 -3.68 -1.71 -11.49
CA ASP A 193 -2.76 -2.79 -11.12
C ASP A 193 -2.20 -3.40 -12.40
N LEU A 194 -1.02 -2.97 -12.81
CA LEU A 194 -0.44 -3.50 -14.03
C LEU A 194 -0.40 -5.03 -14.03
N LYS A 195 0.01 -5.59 -12.88
CA LYS A 195 0.13 -7.04 -12.69
C LYS A 195 -1.13 -7.82 -13.02
N GLN A 196 -2.28 -7.22 -12.78
CA GLN A 196 -3.56 -7.83 -13.00
C GLN A 196 -4.07 -7.76 -14.43
N VAL A 197 -3.42 -6.98 -15.29
CA VAL A 197 -3.87 -6.83 -16.67
C VAL A 197 -2.84 -7.11 -17.75
N LEU A 198 -1.56 -6.87 -17.45
CA LEU A 198 -0.48 -7.07 -18.43
C LEU A 198 0.46 -8.24 -18.15
N PRO A 199 1.20 -8.67 -19.17
CA PRO A 199 2.14 -9.79 -19.01
C PRO A 199 3.43 -9.24 -18.40
N GLU A 200 4.42 -10.08 -18.15
CA GLU A 200 5.67 -9.58 -17.59
C GLU A 200 6.38 -8.59 -18.52
N SER A 201 6.45 -8.90 -19.81
CA SER A 201 7.08 -8.00 -20.76
C SER A 201 6.06 -7.28 -21.61
N VAL A 202 6.36 -6.03 -21.90
CA VAL A 202 5.46 -5.19 -22.67
C VAL A 202 6.20 -4.30 -23.66
N ASN A 203 5.42 -3.58 -24.44
CA ASN A 203 5.92 -2.64 -25.42
C ASN A 203 5.27 -1.33 -25.01
N VAL A 204 5.99 -0.24 -25.17
CA VAL A 204 5.46 1.08 -24.85
C VAL A 204 5.60 1.87 -26.12
N GLY A 205 4.61 2.73 -26.36
CA GLY A 205 4.63 3.53 -27.56
C GLY A 205 3.40 4.38 -27.59
N PHE A 206 3.13 4.98 -28.74
CA PHE A 206 1.97 5.83 -28.94
C PHE A 206 1.16 5.28 -30.13
N SER A 207 -0.02 5.82 -30.32
CA SER A 207 -0.88 5.40 -31.42
C SER A 207 -1.81 6.58 -31.65
N ALA A 208 -2.15 6.82 -32.91
CA ALA A 208 -3.05 7.92 -33.28
C ALA A 208 -3.94 7.56 -34.46
N ALA A 209 -5.09 8.22 -34.56
CA ALA A 209 -5.99 7.96 -35.67
C ALA A 209 -6.83 9.19 -36.09
N THR A 210 -7.02 9.36 -37.39
CA THR A 210 -7.84 10.46 -37.90
C THR A 210 -9.23 9.90 -38.16
N GLY A 211 -10.14 10.75 -38.64
CA GLY A 211 -11.51 10.33 -38.92
C GLY A 211 -11.69 9.12 -39.82
N ASP A 212 -12.60 8.25 -39.44
CA ASP A 212 -12.88 7.05 -40.21
C ASP A 212 -13.83 7.34 -41.38
N PRO A 213 -13.58 6.70 -42.55
CA PRO A 213 -14.42 6.89 -43.75
C PRO A 213 -15.90 6.75 -43.46
N SER A 214 -16.24 5.83 -42.56
CA SER A 214 -17.62 5.57 -42.17
C SER A 214 -18.27 6.71 -41.40
N GLY A 215 -17.78 7.92 -41.61
CA GLY A 215 -18.35 9.06 -40.93
C GLY A 215 -18.60 10.12 -41.97
N LYS A 216 -18.12 9.84 -43.18
CA LYS A 216 -18.27 10.72 -44.34
C LYS A 216 -17.48 12.01 -44.25
N GLN A 217 -17.27 12.52 -43.04
CA GLN A 217 -16.55 13.77 -42.90
C GLN A 217 -15.06 13.63 -43.14
N ARG A 218 -14.66 13.96 -44.35
CA ARG A 218 -13.27 13.91 -44.78
C ARG A 218 -12.46 14.95 -44.01
N ASN A 219 -13.17 15.83 -43.30
CA ASN A 219 -12.53 16.87 -42.51
C ASN A 219 -12.35 16.42 -41.06
N ALA A 220 -12.77 15.21 -40.75
CA ALA A 220 -12.60 14.71 -39.39
C ALA A 220 -11.14 14.31 -39.30
N THR A 221 -10.27 15.30 -39.18
CA THR A 221 -8.85 15.02 -39.11
C THR A 221 -8.08 16.14 -38.41
N GLU A 222 -6.84 15.83 -38.07
CA GLU A 222 -5.93 16.74 -37.37
C GLU A 222 -4.60 16.05 -37.42
N THR A 223 -3.56 16.72 -36.95
CA THR A 223 -2.26 16.08 -36.94
C THR A 223 -2.12 15.46 -35.55
N HIS A 224 -1.14 14.59 -35.37
CA HIS A 224 -0.89 13.96 -34.07
C HIS A 224 0.62 13.80 -33.98
N ASP A 225 1.29 14.91 -33.71
CA ASP A 225 2.75 14.97 -33.65
C ASP A 225 3.35 14.71 -32.28
N ILE A 226 4.52 14.07 -32.28
CA ILE A 226 5.22 13.79 -31.06
C ILE A 226 6.64 14.33 -31.21
N LEU A 227 6.88 15.44 -30.51
CA LEU A 227 8.12 16.17 -30.55
C LEU A 227 9.30 15.56 -29.79
N SER A 228 9.05 14.94 -28.64
CA SER A 228 10.12 14.32 -27.85
C SER A 228 9.58 13.22 -26.95
N TRP A 229 10.48 12.36 -26.44
CA TRP A 229 10.05 11.25 -25.60
C TRP A 229 11.14 10.63 -24.73
N SER A 230 10.93 10.63 -23.42
CA SER A 230 11.88 10.03 -22.47
C SER A 230 11.14 9.01 -21.62
N PHE A 231 11.80 7.90 -21.30
CA PHE A 231 11.17 6.84 -20.53
C PHE A 231 12.16 6.23 -19.55
N SER A 232 11.64 5.85 -18.39
CA SER A 232 12.43 5.22 -17.35
C SER A 232 11.54 4.34 -16.50
N ALA A 233 11.95 3.09 -16.31
CA ALA A 233 11.22 2.11 -15.50
C ALA A 233 12.20 1.41 -14.57
N SER A 234 11.74 1.04 -13.38
CA SER A 234 12.58 0.34 -12.41
C SER A 234 11.89 -0.86 -11.75
N LEU A 235 12.52 -2.02 -11.87
CA LEU A 235 11.99 -3.25 -11.28
C LEU A 235 12.99 -3.65 -10.19
N PRO A 236 12.53 -3.73 -8.94
CA PRO A 236 13.39 -4.11 -7.83
C PRO A 236 13.94 -5.54 -7.98
N GLY A 237 13.07 -6.49 -8.29
CA GLY A 237 13.53 -7.86 -8.45
C GLY A 237 13.82 -8.17 -9.91
N LYS B 1 -22.97 19.72 -0.66
CA LYS B 1 -22.58 21.15 -0.51
C LYS B 1 -21.19 21.38 -1.08
N THR B 2 -21.07 22.40 -1.93
CA THR B 2 -19.80 22.75 -2.54
C THR B 2 -19.38 24.12 -1.99
N ILE B 3 -18.09 24.29 -1.75
CA ILE B 3 -17.58 25.55 -1.24
C ILE B 3 -16.40 25.94 -2.09
N SER B 4 -16.33 27.23 -2.43
CA SER B 4 -15.23 27.74 -3.22
C SER B 4 -14.93 29.18 -2.87
N PHE B 5 -13.70 29.57 -3.14
CA PHE B 5 -13.23 30.91 -2.91
C PHE B 5 -11.98 31.07 -3.77
N ASN B 6 -11.60 32.31 -4.01
CA ASN B 6 -10.43 32.58 -4.83
C ASN B 6 -9.89 33.95 -4.49
N PHE B 7 -8.58 34.08 -4.53
CA PHE B 7 -7.93 35.34 -4.26
C PHE B 7 -6.93 35.48 -5.34
N ASN B 8 -7.13 36.42 -6.25
CA ASN B 8 -6.22 36.65 -7.36
C ASN B 8 -5.05 37.47 -6.84
N GLN B 9 -5.29 38.09 -5.67
CA GLN B 9 -4.31 38.84 -4.91
C GLN B 9 -4.92 39.14 -3.56
N PHE B 10 -4.06 39.48 -2.61
CA PHE B 10 -4.50 39.75 -1.26
C PHE B 10 -4.52 41.24 -0.97
N HIS B 11 -5.64 41.71 -0.41
CA HIS B 11 -5.84 43.12 -0.06
C HIS B 11 -5.50 43.21 1.40
N GLN B 12 -4.70 44.21 1.77
CA GLN B 12 -4.28 44.38 3.15
C GLN B 12 -5.47 44.29 4.12
N ASN B 13 -5.31 43.46 5.15
CA ASN B 13 -6.36 43.27 6.15
C ASN B 13 -7.57 42.51 5.57
N GLU B 14 -7.33 41.28 5.09
CA GLU B 14 -8.39 40.44 4.53
C GLU B 14 -9.29 39.91 5.64
N GLU B 15 -10.60 40.15 5.52
CA GLU B 15 -11.56 39.68 6.53
C GLU B 15 -11.83 38.19 6.31
N GLN B 16 -11.33 37.68 5.18
CA GLN B 16 -11.50 36.28 4.83
C GLN B 16 -10.33 35.43 5.30
N LEU B 17 -9.26 36.07 5.77
CA LEU B 17 -8.07 35.35 6.23
C LEU B 17 -7.69 35.57 7.68
N LYS B 18 -7.06 34.55 8.24
CA LYS B 18 -6.57 34.58 9.61
C LYS B 18 -5.07 34.54 9.46
N LEU B 19 -4.42 35.67 9.69
CA LEU B 19 -2.98 35.71 9.62
C LEU B 19 -2.48 35.41 11.02
N GLN B 20 -1.48 34.56 11.14
CA GLN B 20 -0.95 34.21 12.43
C GLN B 20 0.56 34.39 12.44
N ARG B 21 1.09 34.69 13.61
CA ARG B 21 2.51 34.88 13.76
C ARG B 21 3.04 35.94 12.82
N ASP B 22 4.14 35.66 12.13
CA ASP B 22 4.78 36.62 11.23
C ASP B 22 4.11 36.90 9.89
N ALA B 23 3.10 36.11 9.55
CA ALA B 23 2.41 36.28 8.26
C ALA B 23 1.77 37.66 8.07
N ARG B 24 2.04 38.26 6.91
CA ARG B 24 1.51 39.56 6.54
C ARG B 24 1.17 39.62 5.05
N ILE B 25 0.44 40.65 4.66
CA ILE B 25 0.06 40.86 3.27
C ILE B 25 0.73 42.18 2.93
N SER B 26 1.74 42.13 2.06
CA SER B 26 2.46 43.34 1.70
C SER B 26 1.59 44.31 0.95
N SER B 27 2.09 45.52 0.79
CA SER B 27 1.39 46.59 0.09
C SER B 27 1.13 46.18 -1.34
N ASN B 28 2.06 45.44 -1.93
CA ASN B 28 1.90 45.01 -3.31
C ASN B 28 1.01 43.77 -3.48
N SER B 29 0.15 43.52 -2.49
CA SER B 29 -0.80 42.44 -2.54
C SER B 29 -0.36 40.98 -2.50
N VAL B 30 0.83 40.74 -1.98
CA VAL B 30 1.32 39.37 -1.87
C VAL B 30 1.30 39.00 -0.41
N LEU B 31 0.94 37.75 -0.14
CA LEU B 31 0.90 37.22 1.21
C LEU B 31 2.28 36.69 1.60
N GLU B 32 2.91 37.37 2.55
CA GLU B 32 4.23 36.99 3.02
C GLU B 32 4.08 36.14 4.29
N LEU B 33 4.44 34.88 4.20
CA LEU B 33 4.31 33.98 5.34
C LEU B 33 5.39 34.18 6.40
N THR B 34 6.64 34.31 5.98
CA THR B 34 7.70 34.54 6.93
C THR B 34 8.18 35.97 6.73
N LYS B 35 8.79 36.51 7.78
CA LYS B 35 9.28 37.88 7.79
C LYS B 35 10.32 38.21 6.73
N VAL B 36 10.19 39.40 6.19
CA VAL B 36 11.10 39.95 5.20
C VAL B 36 11.21 41.43 5.57
N VAL B 37 12.37 41.81 6.09
CA VAL B 37 12.59 43.18 6.52
C VAL B 37 13.35 43.97 5.47
N ASN B 38 12.62 44.86 4.81
CA ASN B 38 13.18 45.73 3.78
C ASN B 38 13.83 45.01 2.62
N GLY B 39 13.09 44.09 2.03
CA GLY B 39 13.58 43.33 0.88
C GLY B 39 14.52 42.18 1.20
N VAL B 40 14.70 41.92 2.49
CA VAL B 40 15.56 40.83 2.91
C VAL B 40 14.81 40.01 3.93
N PRO B 41 14.72 38.70 3.71
CA PRO B 41 14.03 37.78 4.63
C PRO B 41 14.89 37.51 5.88
N THR B 42 14.25 37.30 7.02
CA THR B 42 14.96 37.03 8.28
C THR B 42 14.88 35.58 8.72
N TRP B 43 15.84 35.16 9.54
CA TRP B 43 15.83 33.81 10.06
C TRP B 43 14.83 33.89 11.23
N ASN B 44 14.70 32.83 11.99
CA ASN B 44 13.81 32.83 13.16
C ASN B 44 12.35 33.31 12.94
N SER B 45 11.80 33.11 11.75
CA SER B 45 10.42 33.55 11.46
C SER B 45 9.46 32.40 11.18
N THR B 46 8.21 32.55 11.59
CA THR B 46 7.21 31.52 11.38
C THR B 46 5.83 32.14 11.25
N GLY B 47 5.11 31.80 10.19
CA GLY B 47 3.78 32.34 9.97
C GLY B 47 2.80 31.38 9.31
N ARG B 48 1.52 31.61 9.56
CA ARG B 48 0.45 30.81 9.01
C ARG B 48 -0.63 31.76 8.49
N ALA B 49 -1.41 31.27 7.54
CA ALA B 49 -2.50 32.01 6.94
C ALA B 49 -3.56 30.98 6.65
N LEU B 50 -4.70 31.05 7.33
CA LEU B 50 -5.78 30.09 7.10
C LEU B 50 -7.02 30.75 6.52
N TYR B 51 -7.83 30.01 5.78
CA TYR B 51 -9.06 30.59 5.27
C TYR B 51 -9.85 30.73 6.57
N ALA B 52 -10.57 31.83 6.74
CA ALA B 52 -11.31 32.12 7.98
C ALA B 52 -12.54 31.30 8.31
N LYS B 53 -12.99 30.49 7.37
CA LYS B 53 -14.17 29.69 7.62
C LYS B 53 -13.79 28.22 7.48
N PRO B 54 -14.26 27.37 8.40
CA PRO B 54 -13.94 25.94 8.33
C PRO B 54 -14.70 25.28 7.19
N VAL B 55 -14.03 24.43 6.41
CA VAL B 55 -14.68 23.73 5.32
C VAL B 55 -14.90 22.29 5.77
N GLN B 56 -16.11 21.80 5.54
CA GLN B 56 -16.45 20.45 5.93
C GLN B 56 -15.91 19.46 4.90
N VAL B 57 -14.93 18.65 5.29
CA VAL B 57 -14.38 17.68 4.37
C VAL B 57 -15.05 16.33 4.37
N TRP B 58 -15.86 16.08 5.39
CA TRP B 58 -16.62 14.82 5.48
C TRP B 58 -17.79 14.88 6.45
N ASP B 59 -18.78 14.05 6.21
CA ASP B 59 -19.98 14.04 7.03
C ASP B 59 -20.16 12.67 7.64
N SER B 60 -20.29 12.62 8.96
CA SER B 60 -20.50 11.36 9.67
C SER B 60 -21.80 10.71 9.21
N THR B 61 -22.91 11.46 9.34
CA THR B 61 -24.26 10.99 8.98
C THR B 61 -24.33 10.15 7.70
N THR B 62 -23.63 10.61 6.67
CA THR B 62 -23.61 9.92 5.40
C THR B 62 -22.32 9.13 5.16
N GLY B 63 -21.26 9.50 5.87
CA GLY B 63 -19.98 8.85 5.69
C GLY B 63 -19.25 9.35 4.45
N ASN B 64 -19.89 10.25 3.72
CA ASN B 64 -19.30 10.79 2.49
C ASN B 64 -18.18 11.76 2.78
N VAL B 65 -17.12 11.64 2.00
CA VAL B 65 -15.96 12.50 2.14
C VAL B 65 -15.90 13.38 0.90
N ALA B 66 -15.39 14.60 1.08
CA ALA B 66 -15.32 15.56 0.02
C ALA B 66 -14.14 15.35 -0.90
N SER B 67 -14.30 15.89 -2.11
CA SER B 67 -13.27 15.88 -3.13
C SER B 67 -12.93 17.34 -3.17
N PHE B 68 -11.68 17.68 -3.44
CA PHE B 68 -11.32 19.08 -3.49
C PHE B 68 -10.17 19.34 -4.44
N GLU B 69 -10.06 20.60 -4.85
CA GLU B 69 -9.00 21.01 -5.76
C GLU B 69 -8.62 22.39 -5.27
N THR B 70 -7.32 22.59 -5.10
CA THR B 70 -6.80 23.86 -4.66
C THR B 70 -5.62 24.16 -5.57
N ARG B 71 -5.57 25.41 -6.06
CA ARG B 71 -4.49 25.85 -6.95
C ARG B 71 -3.95 27.13 -6.39
N PHE B 72 -2.65 27.28 -6.43
CA PHE B 72 -2.04 28.47 -5.91
C PHE B 72 -0.67 28.69 -6.51
N SER B 73 -0.17 29.92 -6.38
CA SER B 73 1.16 30.25 -6.88
C SER B 73 1.96 30.81 -5.75
N PHE B 74 3.23 30.46 -5.72
CA PHE B 74 4.08 30.94 -4.67
C PHE B 74 5.42 31.25 -5.24
N SER B 75 6.26 31.83 -4.40
CA SER B 75 7.60 32.18 -4.80
C SER B 75 8.47 32.07 -3.57
N ILE B 76 9.65 31.51 -3.76
CA ILE B 76 10.61 31.38 -2.68
C ILE B 76 11.91 31.91 -3.27
N ARG B 77 12.41 33.01 -2.71
CA ARG B 77 13.65 33.59 -3.18
C ARG B 77 14.66 33.28 -2.10
N GLN B 78 15.80 32.73 -2.48
CA GLN B 78 16.85 32.36 -1.55
C GLN B 78 18.01 33.31 -1.80
N PRO B 79 18.12 34.37 -0.99
CA PRO B 79 19.19 35.34 -1.16
C PRO B 79 20.57 34.78 -0.82
N PHE B 80 20.62 33.95 0.21
CA PHE B 80 21.87 33.40 0.69
C PHE B 80 22.00 31.89 0.49
N PRO B 81 22.67 31.47 -0.60
CA PRO B 81 22.87 30.06 -0.93
C PRO B 81 23.99 29.48 -0.08
N ARG B 82 24.90 30.36 0.31
CA ARG B 82 26.09 30.09 1.12
C ARG B 82 26.06 28.96 2.15
N PRO B 83 25.28 29.08 3.26
CA PRO B 83 25.27 27.97 4.21
C PRO B 83 24.16 26.99 3.81
N HIS B 84 22.91 27.40 4.03
CA HIS B 84 21.76 26.55 3.71
C HIS B 84 20.45 27.26 3.97
N PRO B 85 19.62 27.43 2.94
CA PRO B 85 18.33 28.08 3.09
C PRO B 85 17.42 27.17 3.90
N ALA B 86 16.32 27.71 4.41
CA ALA B 86 15.40 26.92 5.20
C ALA B 86 14.20 27.79 5.51
N ASP B 87 13.05 27.20 5.82
CA ASP B 87 12.86 25.74 5.89
C ASP B 87 11.91 25.29 4.77
N GLY B 88 11.00 26.18 4.35
CA GLY B 88 10.06 25.85 3.30
C GLY B 88 8.62 26.13 3.70
N LEU B 89 7.69 25.84 2.80
CA LEU B 89 6.27 26.11 3.06
C LEU B 89 5.42 24.89 2.82
N VAL B 90 4.24 24.90 3.42
CA VAL B 90 3.31 23.82 3.25
C VAL B 90 1.87 24.31 3.18
N PHE B 91 1.07 23.61 2.39
CA PHE B 91 -0.34 23.88 2.31
C PHE B 91 -0.84 22.76 3.22
N PHE B 92 -1.66 23.08 4.21
CA PHE B 92 -2.13 22.04 5.12
C PHE B 92 -3.62 22.14 5.38
N ILE B 93 -4.15 21.08 5.99
CA ILE B 93 -5.54 20.95 6.36
C ILE B 93 -5.42 20.43 7.80
N ALA B 94 -6.03 21.14 8.74
CA ALA B 94 -5.95 20.79 10.16
C ALA B 94 -7.27 21.06 10.84
N PRO B 95 -7.43 20.58 12.08
CA PRO B 95 -8.69 20.85 12.76
C PRO B 95 -8.85 22.36 12.92
N PRO B 96 -10.10 22.84 13.02
CA PRO B 96 -10.27 24.28 13.16
C PRO B 96 -9.74 24.80 14.48
N ASN B 97 -9.45 26.11 14.51
CA ASN B 97 -8.96 26.82 15.68
C ASN B 97 -7.66 26.30 16.31
N THR B 98 -6.62 26.14 15.51
CA THR B 98 -5.34 25.67 16.03
C THR B 98 -4.39 26.86 16.09
N GLN B 99 -3.16 26.64 16.55
CA GLN B 99 -2.17 27.71 16.63
C GLN B 99 -0.86 27.25 16.04
N THR B 100 0.00 28.20 15.72
CA THR B 100 1.30 27.91 15.14
C THR B 100 2.16 26.98 16.01
N GLY B 101 2.43 25.80 15.48
CA GLY B 101 3.26 24.85 16.19
C GLY B 101 4.70 25.26 16.16
N GLU B 102 5.59 24.28 16.21
CA GLU B 102 7.02 24.53 16.22
C GLU B 102 7.54 25.03 14.87
N GLY B 103 8.58 25.85 14.91
CA GLY B 103 9.17 26.40 13.70
C GLY B 103 10.19 25.45 13.11
N GLY B 104 11.18 26.00 12.40
CA GLY B 104 12.19 25.17 11.79
C GLY B 104 11.59 24.10 10.90
N GLY B 105 12.13 22.90 10.96
CA GLY B 105 11.65 21.79 10.13
C GLY B 105 10.20 21.40 10.34
N TYR B 106 9.52 22.06 11.27
CA TYR B 106 8.11 21.73 11.51
C TYR B 106 7.18 22.68 10.79
N PHE B 107 7.75 23.69 10.14
CA PHE B 107 7.01 24.69 9.34
C PHE B 107 5.90 25.42 10.06
N GLY B 108 5.86 25.33 11.38
CA GLY B 108 4.81 26.01 12.10
C GLY B 108 3.55 25.19 12.24
N ILE B 109 3.52 23.97 11.68
CA ILE B 109 2.31 23.15 11.80
C ILE B 109 2.36 22.01 12.80
N TYR B 110 3.56 21.56 13.19
CA TYR B 110 3.65 20.47 14.15
C TYR B 110 4.08 20.96 15.51
N ASN B 111 3.26 20.70 16.52
CA ASN B 111 3.61 21.09 17.87
C ASN B 111 4.03 19.83 18.64
N PRO B 112 5.35 19.66 18.84
CA PRO B 112 5.91 18.50 19.55
C PRO B 112 5.29 18.18 20.92
N LEU B 113 4.83 19.19 21.64
CA LEU B 113 4.24 18.94 22.94
C LEU B 113 2.83 18.40 22.84
N SER B 114 1.96 19.15 22.17
CA SER B 114 0.57 18.77 21.98
C SER B 114 0.28 18.65 20.48
N PRO B 115 0.47 17.45 19.92
CA PRO B 115 0.21 17.26 18.50
C PRO B 115 -1.27 17.15 18.14
N TYR B 116 -1.64 17.79 17.04
CA TYR B 116 -3.00 17.76 16.51
C TYR B 116 -2.85 17.16 15.10
N PRO B 117 -3.89 16.49 14.58
CA PRO B 117 -3.83 15.89 13.24
C PRO B 117 -3.78 16.90 12.10
N PHE B 118 -3.25 16.48 10.96
CA PHE B 118 -3.16 17.38 9.81
C PHE B 118 -2.65 16.66 8.59
N VAL B 119 -3.15 17.05 7.42
CA VAL B 119 -2.67 16.50 6.15
C VAL B 119 -1.97 17.70 5.55
N ALA B 120 -0.79 17.52 4.99
CA ALA B 120 -0.09 18.65 4.40
C ALA B 120 0.79 18.29 3.21
N VAL B 121 0.91 19.23 2.29
CA VAL B 121 1.76 19.03 1.12
C VAL B 121 2.89 19.99 1.43
N GLU B 122 4.12 19.52 1.39
CA GLU B 122 5.24 20.39 1.71
C GLU B 122 6.21 20.61 0.58
N PHE B 123 6.83 21.79 0.60
CA PHE B 123 7.84 22.16 -0.37
C PHE B 123 9.01 22.52 0.53
N ASP B 124 9.81 21.48 0.77
CA ASP B 124 10.97 21.50 1.68
C ASP B 124 12.31 21.89 1.09
N THR B 125 12.96 22.83 1.78
CA THR B 125 14.23 23.36 1.36
C THR B 125 15.40 23.01 2.28
N PHE B 126 15.13 22.58 3.50
CA PHE B 126 16.21 22.20 4.41
C PHE B 126 16.19 20.71 4.71
N ARG B 127 17.33 20.06 4.52
CA ARG B 127 17.42 18.64 4.81
C ARG B 127 17.59 18.38 6.31
N ASN B 128 16.50 17.99 6.96
CA ASN B 128 16.53 17.66 8.37
C ASN B 128 16.93 16.20 8.49
N THR B 129 17.14 15.71 9.71
CA THR B 129 17.55 14.32 9.93
C THR B 129 16.63 13.28 9.27
N TRP B 130 15.32 13.51 9.39
CA TRP B 130 14.27 12.64 8.81
C TRP B 130 14.01 12.92 7.33
N ASP B 131 14.79 13.84 6.76
CA ASP B 131 14.62 14.24 5.38
C ASP B 131 15.55 13.68 4.36
N PRO B 132 15.02 13.48 3.13
CA PRO B 132 15.80 12.98 2.00
C PRO B 132 16.35 14.27 1.37
N GLN B 133 17.18 14.15 0.35
CA GLN B 133 17.74 15.33 -0.26
C GLN B 133 16.68 16.37 -0.64
N ILE B 134 17.04 17.64 -0.44
CA ILE B 134 16.18 18.79 -0.71
C ILE B 134 16.60 19.58 -1.98
N PRO B 135 15.68 20.39 -2.55
CA PRO B 135 14.31 20.57 -2.07
C PRO B 135 13.48 19.40 -2.57
N HIS B 136 12.35 19.16 -1.93
CA HIS B 136 11.50 18.08 -2.37
C HIS B 136 10.07 18.38 -2.00
N ILE B 137 9.13 17.85 -2.77
CA ILE B 137 7.73 18.01 -2.45
C ILE B 137 7.47 16.80 -1.55
N GLY B 138 6.52 16.90 -0.63
CA GLY B 138 6.27 15.77 0.21
C GLY B 138 4.87 15.73 0.76
N ILE B 139 4.38 14.51 0.99
CA ILE B 139 3.06 14.35 1.54
C ILE B 139 3.19 13.94 2.99
N ASP B 140 2.68 14.79 3.88
CA ASP B 140 2.75 14.59 5.30
C ASP B 140 1.38 14.27 5.88
N VAL B 141 1.32 13.29 6.79
CA VAL B 141 0.07 12.94 7.48
C VAL B 141 0.42 12.83 8.98
N ASN B 142 -0.18 13.69 9.79
CA ASN B 142 0.04 13.72 11.24
C ASN B 142 1.48 13.90 11.67
N SER B 143 2.35 14.11 10.69
CA SER B 143 3.78 14.23 10.94
C SER B 143 4.50 14.95 9.79
N VAL B 144 5.74 15.33 10.05
CA VAL B 144 6.59 16.03 9.12
C VAL B 144 7.48 15.04 8.35
N ILE B 145 7.35 13.75 8.66
CA ILE B 145 8.15 12.79 7.91
C ILE B 145 7.19 12.24 6.86
N SER B 146 7.36 12.80 5.67
CA SER B 146 6.55 12.51 4.51
C SER B 146 6.37 11.05 4.17
N THR B 147 5.13 10.69 3.88
CA THR B 147 4.78 9.34 3.46
C THR B 147 5.35 9.15 2.06
N LYS B 148 5.31 10.23 1.28
CA LYS B 148 5.77 10.21 -0.10
C LYS B 148 6.63 11.45 -0.31
N THR B 149 7.67 11.33 -1.14
CA THR B 149 8.58 12.42 -1.41
C THR B 149 9.04 12.42 -2.87
N VAL B 150 9.39 13.60 -3.38
CA VAL B 150 9.87 13.76 -4.74
C VAL B 150 10.69 15.04 -4.75
N PRO B 151 11.92 15.01 -5.27
CA PRO B 151 12.76 16.21 -5.31
C PRO B 151 12.47 17.15 -6.48
N PHE B 152 12.73 18.45 -6.29
CA PHE B 152 12.54 19.44 -7.34
C PHE B 152 13.60 20.52 -7.32
N THR B 153 13.99 21.03 -8.47
CA THR B 153 14.97 22.11 -8.48
C THR B 153 14.16 23.41 -8.42
N LEU B 154 14.56 24.31 -7.53
CA LEU B 154 13.83 25.55 -7.34
C LEU B 154 14.11 26.62 -8.40
N ASP B 155 13.08 27.39 -8.74
CA ASP B 155 13.27 28.50 -9.67
C ASP B 155 13.44 29.63 -8.66
N ASN B 156 14.68 29.96 -8.38
CA ASN B 156 15.03 30.98 -7.39
C ASN B 156 14.30 32.30 -7.59
N GLY B 157 13.36 32.57 -6.69
CA GLY B 157 12.57 33.77 -6.73
C GLY B 157 11.58 33.78 -7.88
N GLY B 158 11.53 32.67 -8.60
CA GLY B 158 10.63 32.56 -9.72
C GLY B 158 9.24 32.25 -9.27
N ILE B 159 8.35 32.02 -10.23
CA ILE B 159 6.97 31.72 -9.91
C ILE B 159 6.77 30.23 -10.00
N ALA B 160 5.91 29.71 -9.15
CA ALA B 160 5.64 28.29 -9.13
C ALA B 160 4.14 28.14 -9.07
N ASN B 161 3.61 27.26 -9.90
CA ASN B 161 2.17 27.01 -9.91
C ASN B 161 1.90 25.65 -9.31
N VAL B 162 0.91 25.57 -8.45
CA VAL B 162 0.63 24.31 -7.81
C VAL B 162 -0.81 23.91 -7.92
N VAL B 163 -1.02 22.65 -8.24
CA VAL B 163 -2.37 22.09 -8.35
C VAL B 163 -2.42 20.89 -7.38
N ILE B 164 -3.30 20.96 -6.39
CA ILE B 164 -3.49 19.87 -5.44
C ILE B 164 -4.91 19.40 -5.57
N LYS B 165 -5.07 18.19 -6.08
CA LYS B 165 -6.38 17.61 -6.30
C LYS B 165 -6.54 16.32 -5.49
N TYR B 166 -7.71 16.15 -4.87
CA TYR B 166 -7.98 14.97 -4.08
C TYR B 166 -9.29 14.29 -4.51
N ASP B 167 -9.22 13.03 -4.90
CA ASP B 167 -10.42 12.29 -5.32
C ASP B 167 -10.90 11.45 -4.17
N ALA B 168 -12.05 11.77 -3.60
CA ALA B 168 -12.57 11.01 -2.46
C ALA B 168 -12.88 9.55 -2.80
N SER B 169 -13.13 9.26 -4.07
CA SER B 169 -13.45 7.89 -4.49
C SER B 169 -12.22 7.00 -4.46
N THR B 170 -11.14 7.48 -5.07
CA THR B 170 -9.87 6.75 -5.13
C THR B 170 -8.96 7.01 -3.92
N LYS B 171 -9.29 8.06 -3.15
CA LYS B 171 -8.52 8.50 -1.98
C LYS B 171 -7.11 8.90 -2.38
N ILE B 172 -6.96 9.35 -3.62
CA ILE B 172 -5.67 9.78 -4.15
C ILE B 172 -5.49 11.30 -4.01
N LEU B 173 -4.34 11.69 -3.46
CA LEU B 173 -3.97 13.08 -3.30
C LEU B 173 -2.86 13.31 -4.32
N HIS B 174 -3.15 14.04 -5.39
CA HIS B 174 -2.12 14.30 -6.36
C HIS B 174 -1.78 15.77 -6.41
N VAL B 175 -0.49 16.06 -6.33
CA VAL B 175 -0.02 17.42 -6.39
C VAL B 175 0.95 17.56 -7.57
N VAL B 176 0.88 18.71 -8.24
CA VAL B 176 1.72 19.02 -9.40
C VAL B 176 2.38 20.35 -9.09
N LEU B 177 3.64 20.48 -9.45
CA LEU B 177 4.38 21.71 -9.25
C LEU B 177 5.01 22.07 -10.58
N VAL B 178 4.65 23.22 -11.11
CA VAL B 178 5.18 23.66 -12.39
C VAL B 178 5.87 25.01 -12.23
N PHE B 179 7.06 25.13 -12.78
CA PHE B 179 7.79 26.38 -12.73
C PHE B 179 7.68 26.83 -14.15
N PRO B 180 6.68 27.67 -14.43
CA PRO B 180 6.42 28.20 -15.77
C PRO B 180 7.63 28.74 -16.52
N SER B 181 8.51 29.48 -15.85
CA SER B 181 9.69 30.02 -16.54
C SER B 181 10.76 29.00 -16.93
N LEU B 182 10.77 27.87 -16.25
CA LEU B 182 11.76 26.82 -16.54
C LEU B 182 11.09 25.77 -17.39
N GLY B 183 9.78 25.64 -17.23
CA GLY B 183 9.02 24.67 -17.98
C GLY B 183 9.09 23.29 -17.36
N THR B 184 9.61 23.21 -16.15
CA THR B 184 9.77 21.95 -15.44
C THR B 184 8.49 21.56 -14.70
N ILE B 185 8.17 20.27 -14.73
CA ILE B 185 6.97 19.76 -14.08
C ILE B 185 7.34 18.65 -13.12
N TYR B 186 6.70 18.68 -11.95
CA TYR B 186 6.94 17.69 -10.92
C TYR B 186 5.57 17.28 -10.42
N THR B 187 5.41 15.98 -10.21
CA THR B 187 4.16 15.42 -9.76
C THR B 187 4.43 14.43 -8.63
N ILE B 188 3.48 14.33 -7.71
CA ILE B 188 3.59 13.42 -6.61
C ILE B 188 2.17 13.06 -6.19
N ALA B 189 1.94 11.80 -5.84
CA ALA B 189 0.61 11.38 -5.46
C ALA B 189 0.76 10.32 -4.39
N ASP B 190 -0.27 10.19 -3.57
CA ASP B 190 -0.30 9.19 -2.53
C ASP B 190 -1.76 9.02 -2.17
N ILE B 191 -2.06 7.90 -1.53
CA ILE B 191 -3.41 7.60 -1.13
C ILE B 191 -3.58 8.07 0.31
N VAL B 192 -4.55 8.97 0.53
CA VAL B 192 -4.79 9.50 1.85
C VAL B 192 -6.27 9.34 2.15
N ASP B 193 -6.56 8.90 3.37
CA ASP B 193 -7.93 8.71 3.81
C ASP B 193 -8.26 9.80 4.80
N LEU B 194 -8.71 10.94 4.30
CA LEU B 194 -9.05 12.06 5.17
C LEU B 194 -9.99 11.69 6.30
N LYS B 195 -10.88 10.74 6.04
CA LYS B 195 -11.87 10.34 7.03
C LYS B 195 -11.30 9.68 8.26
N GLN B 196 -10.10 9.13 8.13
CA GLN B 196 -9.44 8.46 9.23
C GLN B 196 -8.66 9.46 10.08
N VAL B 197 -7.95 10.36 9.40
CA VAL B 197 -7.11 11.36 10.03
C VAL B 197 -7.77 12.63 10.59
N LEU B 198 -8.48 13.36 9.75
CA LEU B 198 -9.08 14.63 10.17
C LEU B 198 -10.56 14.59 10.53
N PRO B 199 -11.00 15.57 11.35
CA PRO B 199 -12.40 15.67 11.78
C PRO B 199 -13.28 16.17 10.64
N GLU B 200 -14.59 16.22 10.85
CA GLU B 200 -15.53 16.65 9.82
C GLU B 200 -15.25 18.04 9.27
N SER B 201 -15.01 18.99 10.16
CA SER B 201 -14.72 20.37 9.77
C SER B 201 -13.24 20.67 9.99
N VAL B 202 -12.62 21.37 9.04
CA VAL B 202 -11.22 21.72 9.11
C VAL B 202 -10.97 23.13 8.62
N ASN B 203 -9.74 23.59 8.78
CA ASN B 203 -9.29 24.90 8.33
C ASN B 203 -8.24 24.56 7.31
N VAL B 204 -8.21 25.26 6.19
CA VAL B 204 -7.20 25.00 5.18
C VAL B 204 -6.36 26.27 5.08
N GLY B 205 -5.06 26.12 4.83
CA GLY B 205 -4.18 27.28 4.73
C GLY B 205 -2.74 26.94 4.45
N PHE B 206 -1.84 27.90 4.65
CA PHE B 206 -0.41 27.70 4.43
C PHE B 206 0.37 28.04 5.68
N SER B 207 1.59 27.49 5.78
CA SER B 207 2.46 27.74 6.92
C SER B 207 3.86 27.68 6.35
N ALA B 208 4.76 28.54 6.83
CA ALA B 208 6.13 28.53 6.34
C ALA B 208 7.06 28.87 7.48
N ALA B 209 8.35 28.50 7.36
CA ALA B 209 9.33 28.80 8.41
C ALA B 209 10.71 29.10 7.88
N THR B 210 11.45 29.94 8.60
CA THR B 210 12.82 30.23 8.22
C THR B 210 13.70 29.55 9.27
N GLY B 211 15.01 29.48 9.01
CA GLY B 211 15.94 28.82 9.92
C GLY B 211 15.73 29.10 11.39
N ASP B 212 15.91 28.08 12.21
CA ASP B 212 15.75 28.24 13.65
C ASP B 212 17.09 28.72 14.21
N PRO B 213 17.07 29.58 15.25
CA PRO B 213 18.24 30.14 15.92
C PRO B 213 19.26 29.08 16.34
N SER B 214 18.74 27.98 16.88
CA SER B 214 19.53 26.85 17.34
C SER B 214 20.20 26.08 16.22
N GLY B 215 20.47 26.76 15.12
CA GLY B 215 21.13 26.14 13.99
C GLY B 215 22.30 27.03 13.72
N LYS B 216 22.20 28.23 14.32
CA LYS B 216 23.18 29.32 14.28
C LYS B 216 23.37 30.08 12.98
N GLN B 217 22.90 29.56 11.86
CA GLN B 217 23.08 30.28 10.60
C GLN B 217 22.01 31.34 10.35
N ARG B 218 22.42 32.59 10.40
CA ARG B 218 21.53 33.72 10.17
C ARG B 218 21.13 33.76 8.69
N ASN B 219 21.86 33.01 7.87
CA ASN B 219 21.63 32.89 6.42
C ASN B 219 20.75 31.69 6.09
N ALA B 220 20.20 31.06 7.12
CA ALA B 220 19.31 29.93 6.94
C ALA B 220 17.95 30.58 6.70
N THR B 221 17.76 31.15 5.52
CA THR B 221 16.51 31.81 5.21
C THR B 221 16.17 32.02 3.72
N GLU B 222 14.94 32.47 3.51
CA GLU B 222 14.41 32.71 2.18
C GLU B 222 12.99 33.26 2.37
N THR B 223 12.37 33.68 1.27
CA THR B 223 11.00 34.20 1.30
C THR B 223 10.03 33.05 1.04
N HIS B 224 8.79 33.21 1.49
CA HIS B 224 7.76 32.20 1.31
C HIS B 224 6.49 32.97 0.95
N ASP B 225 6.46 33.47 -0.27
CA ASP B 225 5.36 34.28 -0.73
C ASP B 225 4.36 33.54 -1.56
N ILE B 226 3.10 33.83 -1.31
CA ILE B 226 2.02 33.23 -2.06
C ILE B 226 1.28 34.32 -2.82
N LEU B 227 1.42 34.30 -4.14
CA LEU B 227 0.82 35.25 -5.05
C LEU B 227 -0.70 35.17 -5.22
N SER B 228 -1.25 33.95 -5.33
CA SER B 228 -2.70 33.75 -5.49
C SER B 228 -3.12 32.42 -4.87
N TRP B 229 -4.42 32.23 -4.68
CA TRP B 229 -4.90 31.01 -4.08
C TRP B 229 -6.37 30.77 -4.36
N SER B 230 -6.71 29.56 -4.82
CA SER B 230 -8.09 29.15 -5.09
C SER B 230 -8.29 27.74 -4.53
N PHE B 231 -9.51 27.46 -4.09
CA PHE B 231 -9.83 26.19 -3.47
C PHE B 231 -11.28 25.90 -3.72
N SER B 232 -11.59 24.63 -3.95
CA SER B 232 -12.97 24.24 -4.19
C SER B 232 -13.14 22.84 -3.60
N ALA B 233 -14.25 22.63 -2.92
CA ALA B 233 -14.55 21.35 -2.29
C ALA B 233 -16.03 20.99 -2.45
N SER B 234 -16.30 19.72 -2.78
CA SER B 234 -17.67 19.21 -2.98
C SER B 234 -17.99 18.04 -2.07
N LEU B 235 -18.89 18.24 -1.11
CA LEU B 235 -19.31 17.17 -0.21
C LEU B 235 -20.69 16.78 -0.74
N PRO B 236 -20.81 15.58 -1.33
CA PRO B 236 -22.12 15.16 -1.85
C PRO B 236 -23.21 15.03 -0.76
N GLY B 237 -22.80 15.08 0.51
CA GLY B 237 -23.75 14.99 1.61
C GLY B 237 -23.84 16.25 2.46
N LYS C 1 20.13 -4.03 2.28
CA LYS C 1 20.85 -4.68 3.41
C LYS C 1 19.96 -5.68 4.14
N THR C 2 20.51 -6.84 4.46
CA THR C 2 19.79 -7.88 5.17
C THR C 2 20.60 -8.29 6.40
N ILE C 3 19.96 -8.22 7.56
CA ILE C 3 20.60 -8.61 8.80
C ILE C 3 19.84 -9.79 9.41
N SER C 4 20.57 -10.84 9.75
CA SER C 4 19.96 -12.00 10.36
C SER C 4 20.90 -12.63 11.38
N PHE C 5 20.33 -13.15 12.45
CA PHE C 5 21.10 -13.82 13.48
C PHE C 5 20.24 -14.95 14.02
N ASN C 6 20.87 -16.01 14.50
CA ASN C 6 20.13 -17.17 14.99
C ASN C 6 20.72 -17.77 16.27
N PHE C 7 19.85 -18.05 17.23
CA PHE C 7 20.24 -18.66 18.50
C PHE C 7 19.42 -19.93 18.71
N ASN C 8 20.06 -21.09 18.58
CA ASN C 8 19.38 -22.37 18.79
C ASN C 8 19.18 -22.54 20.29
N GLN C 9 20.19 -22.11 21.03
CA GLN C 9 20.18 -22.13 22.49
C GLN C 9 21.18 -21.06 22.88
N PHE C 10 21.09 -20.58 24.11
CA PHE C 10 21.97 -19.52 24.57
C PHE C 10 23.14 -20.00 25.41
N HIS C 11 24.34 -19.61 25.00
CA HIS C 11 25.55 -19.98 25.70
C HIS C 11 25.80 -18.91 26.76
N GLN C 12 26.31 -19.33 27.91
CA GLN C 12 26.62 -18.42 29.00
C GLN C 12 27.67 -17.45 28.48
N ASN C 13 27.42 -16.16 28.70
CA ASN C 13 28.32 -15.10 28.24
C ASN C 13 28.46 -15.14 26.72
N GLU C 14 27.38 -14.81 26.04
CA GLU C 14 27.35 -14.77 24.59
C GLU C 14 27.82 -13.36 24.21
N GLU C 15 28.67 -13.25 23.18
CA GLU C 15 29.13 -11.93 22.76
C GLU C 15 28.02 -11.15 22.06
N GLN C 16 27.05 -11.87 21.54
CA GLN C 16 25.95 -11.29 20.78
C GLN C 16 24.82 -10.63 21.55
N LEU C 17 24.60 -11.03 22.80
CA LEU C 17 23.54 -10.44 23.59
C LEU C 17 24.05 -9.39 24.52
N LYS C 18 23.12 -8.78 25.23
CA LYS C 18 23.43 -7.74 26.19
C LYS C 18 22.31 -7.90 27.19
N LEU C 19 22.64 -8.58 28.27
CA LEU C 19 21.66 -8.82 29.32
C LEU C 19 21.65 -7.60 30.22
N GLN C 20 20.46 -7.23 30.69
CA GLN C 20 20.31 -6.09 31.56
C GLN C 20 19.46 -6.49 32.76
N ARG C 21 19.80 -5.94 33.92
CA ARG C 21 19.10 -6.24 35.16
C ARG C 21 19.11 -7.74 35.52
N ASP C 22 17.98 -8.32 35.96
CA ASP C 22 17.95 -9.75 36.33
C ASP C 22 18.12 -10.80 35.23
N ALA C 23 18.14 -10.36 33.98
CA ALA C 23 18.28 -11.28 32.86
C ALA C 23 19.60 -12.03 32.96
N ARG C 24 19.57 -13.33 32.73
CA ARG C 24 20.78 -14.14 32.78
C ARG C 24 20.62 -15.45 32.03
N ILE C 25 21.75 -16.04 31.66
CA ILE C 25 21.79 -17.28 30.93
C ILE C 25 22.12 -18.43 31.88
N SER C 26 21.22 -19.39 31.99
CA SER C 26 21.43 -20.53 32.89
C SER C 26 22.55 -21.42 32.38
N SER C 27 23.00 -22.34 33.24
CA SER C 27 24.05 -23.25 32.83
C SER C 27 23.54 -24.22 31.76
N ASN C 28 22.23 -24.44 31.68
CA ASN C 28 21.69 -25.33 30.67
C ASN C 28 21.11 -24.69 29.39
N SER C 29 21.74 -23.59 28.96
CA SER C 29 21.37 -22.90 27.74
C SER C 29 20.10 -22.08 27.57
N VAL C 30 19.34 -21.86 28.65
CA VAL C 30 18.12 -21.08 28.54
C VAL C 30 18.29 -19.65 29.07
N LEU C 31 17.72 -18.68 28.35
CA LEU C 31 17.79 -17.28 28.73
C LEU C 31 16.68 -16.94 29.70
N GLU C 32 17.05 -16.68 30.94
CA GLU C 32 16.08 -16.35 31.97
C GLU C 32 16.03 -14.86 32.15
N LEU C 33 14.94 -14.25 31.69
CA LEU C 33 14.74 -12.81 31.77
C LEU C 33 14.52 -12.35 33.21
N THR C 34 13.75 -13.11 33.98
CA THR C 34 13.52 -12.76 35.35
C THR C 34 14.24 -13.73 36.30
N LYS C 35 14.32 -13.34 37.56
CA LYS C 35 15.02 -14.10 38.58
C LYS C 35 14.27 -15.34 39.06
N VAL C 36 14.98 -16.47 39.16
CA VAL C 36 14.43 -17.72 39.65
C VAL C 36 15.54 -18.33 40.49
N VAL C 37 15.36 -18.31 41.80
CA VAL C 37 16.36 -18.83 42.72
C VAL C 37 16.04 -20.24 43.22
N ASN C 38 16.94 -21.16 42.93
CA ASN C 38 16.77 -22.56 43.32
C ASN C 38 15.44 -23.11 42.83
N GLY C 39 15.18 -22.97 41.52
CA GLY C 39 13.95 -23.48 40.91
C GLY C 39 12.68 -22.69 41.16
N VAL C 40 12.76 -21.65 41.99
CA VAL C 40 11.62 -20.81 42.32
C VAL C 40 11.79 -19.38 41.80
N PRO C 41 10.78 -18.86 41.09
CA PRO C 41 10.82 -17.49 40.54
C PRO C 41 10.50 -16.45 41.60
N THR C 42 11.21 -15.32 41.55
CA THR C 42 11.03 -14.24 42.52
C THR C 42 10.15 -13.14 41.99
N TRP C 43 9.60 -12.35 42.91
CA TRP C 43 8.79 -11.21 42.54
C TRP C 43 9.80 -10.08 42.45
N ASN C 44 9.34 -8.87 42.25
CA ASN C 44 10.23 -7.72 42.18
C ASN C 44 11.42 -7.91 41.24
N SER C 45 11.20 -8.65 40.14
CA SER C 45 12.26 -8.90 39.16
C SER C 45 11.95 -8.26 37.80
N THR C 46 13.00 -7.78 37.13
CA THR C 46 12.86 -7.15 35.83
C THR C 46 14.17 -7.43 35.13
N GLY C 47 14.12 -7.82 33.87
CA GLY C 47 15.35 -8.08 33.16
C GLY C 47 15.14 -7.97 31.67
N ARG C 48 16.19 -7.64 30.94
CA ARG C 48 16.08 -7.47 29.51
C ARG C 48 17.26 -8.07 28.81
N ALA C 49 17.08 -8.40 27.55
CA ALA C 49 18.14 -8.98 26.76
C ALA C 49 18.03 -8.36 25.39
N LEU C 50 19.09 -7.66 24.98
CA LEU C 50 19.14 -6.99 23.70
C LEU C 50 20.23 -7.55 22.83
N TYR C 51 19.94 -7.65 21.53
CA TYR C 51 20.94 -8.12 20.60
C TYR C 51 21.96 -6.97 20.56
N ALA C 52 23.22 -7.30 20.76
CA ALA C 52 24.32 -6.35 20.82
C ALA C 52 24.44 -5.30 19.72
N LYS C 53 24.01 -5.62 18.52
CA LYS C 53 24.13 -4.66 17.45
C LYS C 53 22.81 -4.04 17.06
N PRO C 54 22.83 -2.75 16.73
CA PRO C 54 21.64 -1.99 16.32
C PRO C 54 21.23 -2.38 14.92
N VAL C 55 19.94 -2.42 14.66
CA VAL C 55 19.44 -2.79 13.35
C VAL C 55 18.78 -1.56 12.74
N GLN C 56 19.01 -1.34 11.45
CA GLN C 56 18.40 -0.20 10.78
C GLN C 56 17.03 -0.57 10.26
N VAL C 57 15.97 -0.04 10.90
CA VAL C 57 14.59 -0.34 10.46
C VAL C 57 14.13 0.53 9.29
N TRP C 58 14.82 1.63 9.03
CA TRP C 58 14.48 2.49 7.92
C TRP C 58 15.59 3.43 7.50
N ASP C 59 15.44 3.99 6.31
CA ASP C 59 16.44 4.86 5.74
C ASP C 59 15.85 6.22 5.37
N SER C 60 16.43 7.30 5.90
CA SER C 60 15.96 8.66 5.63
C SER C 60 16.21 9.11 4.20
N THR C 61 17.35 8.72 3.64
CA THR C 61 17.74 9.10 2.29
C THR C 61 16.78 8.62 1.21
N THR C 62 16.44 7.33 1.24
CA THR C 62 15.54 6.76 0.25
C THR C 62 14.12 6.69 0.75
N GLY C 63 13.93 6.79 2.06
CA GLY C 63 12.58 6.73 2.64
C GLY C 63 12.11 5.29 2.82
N ASN C 64 12.95 4.34 2.44
CA ASN C 64 12.61 2.93 2.58
C ASN C 64 12.58 2.50 4.04
N VAL C 65 11.76 1.49 4.32
CA VAL C 65 11.63 0.96 5.66
C VAL C 65 11.80 -0.55 5.49
N ALA C 66 12.31 -1.22 6.51
CA ALA C 66 12.57 -2.65 6.46
C ALA C 66 11.41 -3.58 6.86
N SER C 67 11.46 -4.78 6.29
CA SER C 67 10.50 -5.83 6.62
C SER C 67 11.33 -6.78 7.46
N PHE C 68 10.78 -7.25 8.58
CA PHE C 68 11.52 -8.17 9.43
C PHE C 68 10.64 -9.33 9.87
N GLU C 69 11.28 -10.44 10.21
CA GLU C 69 10.60 -11.62 10.70
C GLU C 69 11.45 -12.20 11.81
N THR C 70 10.83 -12.39 12.97
CA THR C 70 11.54 -12.94 14.11
C THR C 70 10.73 -14.12 14.69
N ARG C 71 11.45 -15.17 15.09
CA ARG C 71 10.84 -16.34 15.66
C ARG C 71 11.60 -16.72 16.91
N PHE C 72 10.87 -17.06 17.97
CA PHE C 72 11.48 -17.47 19.22
C PHE C 72 10.57 -18.39 19.99
N SER C 73 11.13 -19.12 20.95
CA SER C 73 10.35 -20.02 21.76
C SER C 73 10.53 -19.55 23.20
N PHE C 74 9.46 -19.59 23.96
CA PHE C 74 9.51 -19.15 25.33
C PHE C 74 8.71 -20.08 26.21
N SER C 75 9.00 -20.03 27.49
CA SER C 75 8.32 -20.88 28.46
C SER C 75 8.04 -19.99 29.65
N ILE C 76 6.80 -20.05 30.14
CA ILE C 76 6.42 -19.28 31.30
C ILE C 76 5.76 -20.32 32.19
N ARG C 77 6.43 -20.67 33.29
CA ARG C 77 5.90 -21.64 34.25
C ARG C 77 5.41 -20.88 35.47
N GLN C 78 4.11 -20.94 35.73
CA GLN C 78 3.52 -20.27 36.87
C GLN C 78 3.42 -21.30 38.00
N PRO C 79 4.44 -21.37 38.87
CA PRO C 79 4.49 -22.32 39.99
C PRO C 79 3.37 -22.13 40.98
N PHE C 80 3.08 -20.87 41.30
CA PHE C 80 2.04 -20.53 42.26
C PHE C 80 0.81 -19.95 41.57
N PRO C 81 -0.21 -20.78 41.33
CA PRO C 81 -1.43 -20.27 40.68
C PRO C 81 -2.13 -19.39 41.70
N ARG C 82 -1.97 -19.79 42.95
CA ARG C 82 -2.54 -19.19 44.15
C ARG C 82 -3.19 -17.81 44.10
N PRO C 83 -2.40 -16.71 44.12
CA PRO C 83 -3.07 -15.41 44.06
C PRO C 83 -3.25 -14.94 42.63
N HIS C 84 -2.14 -14.70 41.94
CA HIS C 84 -2.17 -14.26 40.55
C HIS C 84 -0.76 -14.10 40.01
N PRO C 85 -0.43 -14.87 38.96
CA PRO C 85 0.92 -14.76 38.39
C PRO C 85 1.08 -13.40 37.74
N ALA C 86 2.31 -12.93 37.63
CA ALA C 86 2.59 -11.64 37.00
C ALA C 86 4.04 -11.61 36.64
N ASP C 87 4.40 -10.81 35.64
CA ASP C 87 3.51 -9.98 34.89
C ASP C 87 3.45 -10.44 33.45
N GLY C 88 4.61 -10.72 32.88
CA GLY C 88 4.65 -11.20 31.53
C GLY C 88 5.95 -10.85 30.87
N LEU C 89 6.05 -11.06 29.56
CA LEU C 89 7.26 -10.77 28.83
C LEU C 89 6.83 -10.13 27.54
N VAL C 90 7.77 -9.48 26.86
CA VAL C 90 7.49 -8.79 25.59
C VAL C 90 8.68 -8.81 24.63
N PHE C 91 8.36 -8.78 23.34
CA PHE C 91 9.38 -8.69 22.32
C PHE C 91 9.26 -7.22 21.96
N PHE C 92 10.34 -6.47 22.04
CA PHE C 92 10.24 -5.06 21.75
C PHE C 92 11.31 -4.54 20.82
N ILE C 93 11.04 -3.36 20.27
CA ILE C 93 11.94 -2.65 19.37
C ILE C 93 11.98 -1.25 19.97
N ALA C 94 13.16 -0.66 20.11
CA ALA C 94 13.24 0.66 20.71
C ALA C 94 14.52 1.36 20.27
N PRO C 95 14.68 2.65 20.63
CA PRO C 95 15.91 3.37 20.24
C PRO C 95 17.12 2.66 20.85
N PRO C 96 18.31 2.83 20.27
CA PRO C 96 19.42 2.13 20.89
C PRO C 96 19.89 2.84 22.14
N ASN C 97 20.62 2.12 22.99
CA ASN C 97 21.18 2.64 24.24
C ASN C 97 20.14 2.92 25.31
N THR C 98 19.06 2.15 25.36
CA THR C 98 18.04 2.39 26.38
C THR C 98 18.37 1.60 27.64
N GLN C 99 17.73 1.94 28.75
CA GLN C 99 17.95 1.26 30.02
C GLN C 99 16.62 0.74 30.54
N THR C 100 16.66 -0.32 31.36
CA THR C 100 15.47 -0.94 31.91
C THR C 100 14.50 0.03 32.58
N GLY C 101 13.27 0.05 32.08
CA GLY C 101 12.25 0.92 32.62
C GLY C 101 11.58 0.31 33.84
N GLU C 102 10.39 0.80 34.14
CA GLU C 102 9.62 0.34 35.29
C GLU C 102 9.23 -1.13 35.13
N GLY C 103 9.38 -1.91 36.19
CA GLY C 103 9.01 -3.30 36.12
C GLY C 103 7.50 -3.43 36.23
N GLY C 104 7.02 -4.57 36.73
CA GLY C 104 5.59 -4.77 36.85
C GLY C 104 4.89 -4.76 35.51
N GLY C 105 3.67 -4.24 35.49
CA GLY C 105 2.88 -4.17 34.27
C GLY C 105 3.54 -3.44 33.10
N TYR C 106 4.71 -2.84 33.33
CA TYR C 106 5.43 -2.12 32.30
C TYR C 106 6.53 -2.97 31.67
N PHE C 107 6.71 -4.19 32.20
CA PHE C 107 7.69 -5.16 31.68
C PHE C 107 9.13 -4.69 31.57
N GLY C 108 9.43 -3.51 32.12
CA GLY C 108 10.77 -2.99 31.99
C GLY C 108 11.00 -2.20 30.70
N ILE C 109 9.93 -1.86 29.96
CA ILE C 109 10.08 -1.08 28.72
C ILE C 109 9.52 0.33 28.80
N TYR C 110 8.69 0.61 29.80
CA TYR C 110 8.15 1.93 29.95
C TYR C 110 8.71 2.62 31.18
N ASN C 111 9.19 3.84 30.97
CA ASN C 111 9.76 4.66 32.03
C ASN C 111 8.94 5.93 32.06
N PRO C 112 7.83 5.94 32.83
CA PRO C 112 6.97 7.14 32.90
C PRO C 112 7.68 8.47 33.20
N LEU C 113 8.89 8.38 33.74
CA LEU C 113 9.64 9.58 34.07
C LEU C 113 10.53 10.11 32.96
N SER C 114 10.66 9.33 31.88
CA SER C 114 11.48 9.70 30.74
C SER C 114 11.24 8.65 29.67
N PRO C 115 10.01 8.61 29.09
CA PRO C 115 9.67 7.63 28.05
C PRO C 115 10.44 7.74 26.76
N TYR C 116 10.57 6.59 26.09
CA TYR C 116 11.21 6.52 24.80
C TYR C 116 10.21 5.73 23.96
N PRO C 117 10.20 5.93 22.65
CA PRO C 117 9.26 5.21 21.80
C PRO C 117 9.64 3.74 21.66
N PHE C 118 8.65 2.90 21.39
CA PHE C 118 8.88 1.48 21.22
C PHE C 118 7.66 0.79 20.60
N VAL C 119 7.92 -0.35 19.97
CA VAL C 119 6.89 -1.18 19.37
C VAL C 119 7.21 -2.47 20.09
N ALA C 120 6.22 -3.00 20.79
CA ALA C 120 6.42 -4.23 21.52
C ALA C 120 5.23 -5.13 21.36
N VAL C 121 5.50 -6.43 21.36
CA VAL C 121 4.47 -7.46 21.29
C VAL C 121 4.53 -8.05 22.68
N GLU C 122 3.43 -8.02 23.40
CA GLU C 122 3.40 -8.53 24.75
C GLU C 122 2.62 -9.82 24.95
N PHE C 123 3.01 -10.55 26.00
CA PHE C 123 2.34 -11.79 26.39
C PHE C 123 2.10 -11.53 27.88
N ASP C 124 0.93 -10.96 28.14
CA ASP C 124 0.51 -10.55 29.48
C ASP C 124 -0.23 -11.55 30.35
N THR C 125 0.30 -11.79 31.55
CA THR C 125 -0.28 -12.73 32.50
C THR C 125 -0.97 -12.08 33.69
N PHE C 126 -0.85 -10.76 33.83
CA PHE C 126 -1.50 -10.04 34.92
C PHE C 126 -2.39 -8.93 34.39
N ARG C 127 -3.65 -8.92 34.82
CA ARG C 127 -4.63 -7.91 34.40
C ARG C 127 -4.54 -6.59 35.17
N ASN C 128 -3.83 -5.61 34.61
CA ASN C 128 -3.72 -4.30 35.24
C ASN C 128 -4.99 -3.51 34.96
N THR C 129 -5.06 -2.26 35.41
CA THR C 129 -6.26 -1.44 35.21
C THR C 129 -6.60 -1.28 33.74
N TRP C 130 -5.56 -0.95 32.97
CA TRP C 130 -5.65 -0.76 31.53
C TRP C 130 -5.68 -2.08 30.74
N ASP C 131 -6.09 -3.17 31.38
CA ASP C 131 -6.06 -4.46 30.71
C ASP C 131 -7.29 -5.27 30.53
N PRO C 132 -7.35 -5.97 29.40
CA PRO C 132 -8.49 -6.84 29.10
C PRO C 132 -8.21 -8.14 29.86
N GLN C 133 -9.01 -9.18 29.62
CA GLN C 133 -8.82 -10.44 30.32
C GLN C 133 -7.45 -11.04 29.99
N ILE C 134 -6.84 -11.73 30.95
CA ILE C 134 -5.52 -12.34 30.74
C ILE C 134 -5.54 -13.88 30.79
N PRO C 135 -4.53 -14.53 30.18
CA PRO C 135 -3.40 -13.90 29.48
C PRO C 135 -3.87 -13.40 28.12
N HIS C 136 -2.99 -12.69 27.41
CA HIS C 136 -3.36 -12.19 26.09
C HIS C 136 -2.17 -11.59 25.35
N ILE C 137 -2.12 -11.78 24.03
CA ILE C 137 -1.05 -11.17 23.22
C ILE C 137 -1.59 -9.76 23.00
N GLY C 138 -0.71 -8.80 22.86
CA GLY C 138 -1.17 -7.45 22.65
C GLY C 138 -0.13 -6.78 21.84
N ILE C 139 -0.53 -5.82 21.01
CA ILE C 139 0.41 -5.07 20.19
C ILE C 139 0.56 -3.70 20.85
N ASP C 140 1.78 -3.41 21.28
CA ASP C 140 2.08 -2.18 21.98
C ASP C 140 2.90 -1.17 21.19
N VAL C 141 2.30 -0.02 20.91
CA VAL C 141 2.99 1.05 20.20
C VAL C 141 3.11 2.23 21.16
N ASN C 142 4.34 2.50 21.58
CA ASN C 142 4.65 3.60 22.50
C ASN C 142 3.94 3.57 23.84
N SER C 143 3.18 2.51 24.10
CA SER C 143 2.46 2.43 25.35
C SER C 143 2.27 0.97 25.71
N VAL C 144 1.79 0.73 26.93
CA VAL C 144 1.53 -0.61 27.40
C VAL C 144 0.04 -0.92 27.23
N ILE C 145 -0.73 0.11 26.88
CA ILE C 145 -2.12 -0.10 26.60
C ILE C 145 -2.11 -0.50 25.13
N SER C 146 -2.33 -1.79 24.92
CA SER C 146 -2.30 -2.40 23.61
C SER C 146 -3.30 -1.86 22.59
N THR C 147 -2.86 -1.68 21.36
CA THR C 147 -3.70 -1.20 20.28
C THR C 147 -4.67 -2.32 19.90
N LYS C 148 -4.15 -3.55 19.94
CA LYS C 148 -4.94 -4.72 19.61
C LYS C 148 -4.70 -5.73 20.73
N THR C 149 -5.66 -6.63 20.94
CA THR C 149 -5.54 -7.64 21.98
C THR C 149 -6.25 -8.97 21.69
N VAL C 150 -5.53 -10.07 21.84
CA VAL C 150 -6.11 -11.39 21.63
C VAL C 150 -5.73 -12.21 22.87
N PRO C 151 -6.75 -12.74 23.57
CA PRO C 151 -6.55 -13.54 24.77
C PRO C 151 -6.19 -14.98 24.44
N PHE C 152 -5.32 -15.60 25.24
CA PHE C 152 -4.93 -16.97 25.00
C PHE C 152 -4.89 -17.76 26.29
N THR C 153 -4.71 -19.07 26.15
CA THR C 153 -4.65 -20.00 27.27
C THR C 153 -3.23 -20.51 27.28
N LEU C 154 -2.54 -20.28 28.39
CA LEU C 154 -1.15 -20.68 28.54
C LEU C 154 -0.92 -22.17 28.80
N ASP C 155 0.12 -22.71 28.17
CA ASP C 155 0.49 -24.09 28.36
C ASP C 155 1.47 -23.95 29.54
N ASN C 156 0.95 -23.96 30.76
CA ASN C 156 1.77 -23.79 31.97
C ASN C 156 3.06 -24.60 31.96
N GLY C 157 4.17 -23.90 31.83
CA GLY C 157 5.47 -24.54 31.79
C GLY C 157 5.78 -25.06 30.41
N GLY C 158 4.75 -25.30 29.61
CA GLY C 158 4.93 -25.80 28.26
C GLY C 158 5.68 -24.81 27.41
N ILE C 159 6.06 -25.22 26.20
CA ILE C 159 6.79 -24.37 25.28
C ILE C 159 5.89 -23.71 24.26
N ALA C 160 6.18 -22.44 23.95
CA ALA C 160 5.40 -21.70 22.99
C ALA C 160 6.30 -21.27 21.84
N ASN C 161 5.74 -21.31 20.63
CA ASN C 161 6.44 -20.92 19.41
C ASN C 161 5.81 -19.64 18.92
N VAL C 162 6.63 -18.65 18.59
CA VAL C 162 6.10 -17.38 18.13
C VAL C 162 6.76 -16.96 16.84
N VAL C 163 5.94 -16.43 15.93
CA VAL C 163 6.41 -15.92 14.65
C VAL C 163 5.87 -14.49 14.57
N ILE C 164 6.77 -13.53 14.38
CA ILE C 164 6.40 -12.13 14.30
C ILE C 164 6.93 -11.66 12.98
N LYS C 165 6.01 -11.37 12.07
CA LYS C 165 6.36 -10.91 10.72
C LYS C 165 5.86 -9.49 10.51
N TYR C 166 6.70 -8.65 9.91
CA TYR C 166 6.33 -7.26 9.60
C TYR C 166 6.59 -6.99 8.14
N ASP C 167 5.52 -6.70 7.39
CA ASP C 167 5.68 -6.40 5.98
C ASP C 167 5.58 -4.88 5.83
N ALA C 168 6.66 -4.29 5.33
CA ALA C 168 6.78 -2.85 5.17
C ALA C 168 5.82 -2.18 4.20
N SER C 169 5.36 -2.90 3.17
CA SER C 169 4.46 -2.36 2.17
C SER C 169 3.05 -2.14 2.69
N THR C 170 2.51 -3.17 3.32
CA THR C 170 1.16 -3.06 3.87
C THR C 170 1.19 -2.45 5.26
N LYS C 171 2.36 -2.48 5.90
CA LYS C 171 2.56 -1.94 7.23
C LYS C 171 1.85 -2.80 8.28
N ILE C 172 1.78 -4.08 8.00
CA ILE C 172 1.12 -5.01 8.90
C ILE C 172 2.12 -5.76 9.76
N LEU C 173 1.82 -5.79 11.05
CA LEU C 173 2.62 -6.48 12.03
C LEU C 173 1.73 -7.64 12.44
N HIS C 174 2.11 -8.85 12.06
CA HIS C 174 1.31 -10.01 12.41
C HIS C 174 2.11 -11.03 13.20
N VAL C 175 1.52 -11.48 14.29
CA VAL C 175 2.14 -12.45 15.18
C VAL C 175 1.27 -13.70 15.28
N VAL C 176 1.92 -14.82 15.56
CA VAL C 176 1.24 -16.09 15.72
C VAL C 176 1.85 -16.73 16.96
N LEU C 177 1.02 -17.39 17.76
CA LEU C 177 1.48 -18.05 18.96
C LEU C 177 0.97 -19.47 18.92
N VAL C 178 1.89 -20.44 18.87
CA VAL C 178 1.50 -21.84 18.85
C VAL C 178 2.00 -22.55 20.10
N PHE C 179 1.16 -23.40 20.68
CA PHE C 179 1.54 -24.19 21.85
C PHE C 179 1.48 -25.60 21.30
N PRO C 180 2.58 -26.08 20.69
CA PRO C 180 2.64 -27.42 20.11
C PRO C 180 1.96 -28.54 20.89
N SER C 181 2.40 -28.79 22.12
CA SER C 181 1.80 -29.82 22.95
C SER C 181 0.27 -29.73 23.01
N LEU C 182 -0.26 -28.52 23.01
CA LEU C 182 -1.70 -28.29 23.06
C LEU C 182 -2.31 -28.22 21.66
N GLY C 183 -1.49 -27.92 20.66
CA GLY C 183 -1.99 -27.80 19.30
C GLY C 183 -2.80 -26.54 19.09
N THR C 184 -2.74 -25.61 20.03
CA THR C 184 -3.46 -24.35 19.93
C THR C 184 -2.71 -23.28 19.14
N ILE C 185 -3.46 -22.54 18.32
CA ILE C 185 -2.92 -21.49 17.45
C ILE C 185 -3.67 -20.18 17.73
N TYR C 186 -2.91 -19.10 17.92
CA TYR C 186 -3.50 -17.78 18.18
C TYR C 186 -2.88 -16.83 17.18
N THR C 187 -3.68 -15.89 16.70
CA THR C 187 -3.21 -14.94 15.69
C THR C 187 -3.68 -13.50 15.98
N ILE C 188 -2.76 -12.54 15.83
CA ILE C 188 -3.09 -11.13 16.03
C ILE C 188 -2.28 -10.28 15.04
N ALA C 189 -2.92 -9.27 14.46
CA ALA C 189 -2.24 -8.40 13.50
C ALA C 189 -2.81 -7.02 13.67
N ASP C 190 -2.08 -6.03 13.17
CA ASP C 190 -2.49 -4.65 13.25
C ASP C 190 -1.52 -3.87 12.39
N ILE C 191 -1.90 -2.65 12.00
CA ILE C 191 -1.07 -1.80 11.16
C ILE C 191 -0.23 -0.92 12.04
N VAL C 192 1.06 -0.84 11.72
CA VAL C 192 2.00 -0.04 12.48
C VAL C 192 3.04 0.53 11.53
N ASP C 193 3.22 1.85 11.56
CA ASP C 193 4.20 2.50 10.70
C ASP C 193 5.48 2.77 11.51
N LEU C 194 6.49 1.93 11.32
CA LEU C 194 7.74 2.09 12.06
C LEU C 194 8.36 3.44 11.84
N LYS C 195 8.43 3.83 10.58
CA LYS C 195 8.99 5.10 10.15
C LYS C 195 8.45 6.25 10.99
N GLN C 196 7.18 6.15 11.35
CA GLN C 196 6.47 7.15 12.14
C GLN C 196 6.74 7.10 13.65
N VAL C 197 7.26 5.98 14.18
CA VAL C 197 7.46 5.86 15.62
C VAL C 197 8.85 5.53 16.12
N LEU C 198 9.72 5.00 15.25
CA LEU C 198 11.05 4.60 15.68
C LEU C 198 12.16 5.26 14.89
N PRO C 199 13.33 5.44 15.51
CA PRO C 199 14.45 6.04 14.78
C PRO C 199 14.94 5.03 13.74
N GLU C 200 15.79 5.48 12.83
CA GLU C 200 16.33 4.61 11.79
C GLU C 200 17.03 3.38 12.36
N SER C 201 17.81 3.57 13.42
CA SER C 201 18.49 2.46 14.07
C SER C 201 17.81 2.17 15.40
N VAL C 202 17.50 0.90 15.62
CA VAL C 202 16.84 0.48 16.84
C VAL C 202 17.56 -0.74 17.42
N ASN C 203 17.12 -1.17 18.59
CA ASN C 203 17.65 -2.35 19.24
C ASN C 203 16.47 -3.30 19.34
N VAL C 204 16.71 -4.59 19.14
CA VAL C 204 15.65 -5.59 19.23
C VAL C 204 15.99 -6.53 20.37
N GLY C 205 14.99 -6.92 21.13
CA GLY C 205 15.22 -7.82 22.24
C GLY C 205 13.98 -8.18 22.98
N PHE C 206 14.14 -8.69 24.19
CA PHE C 206 13.02 -9.09 25.01
C PHE C 206 13.18 -8.41 26.36
N SER C 207 12.08 -8.39 27.11
CA SER C 207 12.05 -7.80 28.43
C SER C 207 10.86 -8.41 29.15
N ALA C 208 10.99 -8.58 30.46
CA ALA C 208 9.92 -9.18 31.22
C ALA C 208 10.01 -8.69 32.65
N ALA C 209 8.99 -9.01 33.43
CA ALA C 209 8.98 -8.60 34.82
C ALA C 209 8.05 -9.47 35.65
N THR C 210 8.27 -9.44 36.97
CA THR C 210 7.44 -10.19 37.90
C THR C 210 6.69 -9.21 38.77
N GLY C 211 5.90 -9.72 39.72
CA GLY C 211 5.09 -8.89 40.59
C GLY C 211 5.81 -7.73 41.26
N ASP C 212 5.13 -6.61 41.38
CA ASP C 212 5.71 -5.43 42.01
C ASP C 212 5.44 -5.56 43.50
N PRO C 213 6.40 -5.16 44.34
CA PRO C 213 6.28 -5.22 45.80
C PRO C 213 5.00 -4.56 46.27
N SER C 214 4.64 -3.47 45.58
CA SER C 214 3.45 -2.71 45.89
C SER C 214 2.17 -3.55 45.76
N GLY C 215 2.31 -4.71 45.14
CA GLY C 215 1.18 -5.64 44.98
C GLY C 215 1.60 -6.64 46.01
N LYS C 216 1.00 -6.54 47.19
CA LYS C 216 1.36 -7.37 48.38
C LYS C 216 1.53 -8.87 48.19
N GLN C 217 1.24 -9.41 47.00
CA GLN C 217 1.42 -10.82 46.81
C GLN C 217 2.82 -11.17 46.36
N ARG C 218 3.52 -11.93 47.19
CA ARG C 218 4.89 -12.40 46.90
C ARG C 218 4.81 -13.53 45.87
N ASN C 219 3.65 -14.17 45.83
CA ASN C 219 3.39 -15.26 44.89
C ASN C 219 2.99 -14.71 43.49
N ALA C 220 3.08 -13.40 43.31
CA ALA C 220 2.74 -12.78 42.03
C ALA C 220 4.00 -12.86 41.19
N THR C 221 4.25 -14.04 40.63
CA THR C 221 5.44 -14.23 39.82
C THR C 221 5.33 -15.48 38.97
N GLU C 222 6.29 -15.67 38.09
CA GLU C 222 6.34 -16.81 37.19
C GLU C 222 7.69 -16.76 36.48
N THR C 223 7.94 -17.68 35.56
CA THR C 223 9.19 -17.66 34.81
C THR C 223 8.97 -16.96 33.46
N HIS C 224 10.06 -16.48 32.86
CA HIS C 224 10.02 -15.82 31.57
C HIS C 224 11.30 -16.23 30.90
N ASP C 225 11.32 -17.48 30.44
CA ASP C 225 12.49 -18.07 29.79
C ASP C 225 12.38 -18.10 28.27
N ILE C 226 13.49 -17.82 27.60
CA ILE C 226 13.54 -17.83 26.14
C ILE C 226 14.51 -18.91 25.70
N LEU C 227 13.96 -19.93 25.05
CA LEU C 227 14.72 -21.09 24.62
C LEU C 227 15.55 -20.91 23.36
N SER C 228 14.98 -20.26 22.35
CA SER C 228 15.66 -20.00 21.07
C SER C 228 15.12 -18.71 20.44
N TRP C 229 15.88 -18.12 19.54
CA TRP C 229 15.46 -16.88 18.91
C TRP C 229 16.25 -16.58 17.65
N SER C 230 15.53 -16.36 16.54
CA SER C 230 16.15 -16.03 15.25
C SER C 230 15.57 -14.69 14.82
N PHE C 231 16.23 -14.02 13.87
CA PHE C 231 15.77 -12.73 13.41
C PHE C 231 16.33 -12.41 12.04
N SER C 232 15.50 -11.86 11.16
CA SER C 232 15.92 -11.49 9.82
C SER C 232 15.23 -10.17 9.46
N ALA C 233 15.96 -9.25 8.82
CA ALA C 233 15.38 -7.96 8.43
C ALA C 233 16.03 -7.54 7.13
N SER C 234 15.25 -6.94 6.23
CA SER C 234 15.78 -6.47 4.96
C SER C 234 15.39 -5.05 4.65
N LEU C 235 16.37 -4.24 4.26
CA LEU C 235 16.15 -2.85 3.90
C LEU C 235 16.55 -2.72 2.46
N PRO C 236 15.57 -2.59 1.56
CA PRO C 236 15.87 -2.44 0.13
C PRO C 236 16.75 -1.22 -0.14
N GLY C 237 16.54 -0.18 0.66
CA GLY C 237 17.34 1.04 0.52
C GLY C 237 18.43 1.07 1.57
N LYS D 1 -25.27 -9.11 14.42
CA LYS D 1 -25.62 -10.55 14.34
C LYS D 1 -24.33 -11.37 14.32
N THR D 2 -24.46 -12.67 14.64
CA THR D 2 -23.33 -13.59 14.66
C THR D 2 -23.74 -14.93 14.05
N ILE D 3 -22.97 -15.42 13.08
CA ILE D 3 -23.26 -16.72 12.47
C ILE D 3 -22.04 -17.61 12.69
N SER D 4 -22.27 -18.88 12.99
CA SER D 4 -21.17 -19.81 13.21
C SER D 4 -21.59 -21.26 13.06
N PHE D 5 -20.70 -22.06 12.48
CA PHE D 5 -20.96 -23.48 12.29
C PHE D 5 -19.67 -24.27 12.51
N ASN D 6 -19.81 -25.56 12.79
CA ASN D 6 -18.64 -26.40 13.02
C ASN D 6 -18.79 -27.79 12.44
N PHE D 7 -17.75 -28.28 11.80
CA PHE D 7 -17.76 -29.60 11.22
C PHE D 7 -16.54 -30.32 11.80
N ASN D 8 -16.78 -31.22 12.74
CA ASN D 8 -15.68 -31.97 13.35
C ASN D 8 -15.22 -33.03 12.37
N GLN D 9 -16.08 -33.29 11.41
CA GLN D 9 -15.87 -34.21 10.30
C GLN D 9 -17.18 -34.07 9.53
N PHE D 10 -17.23 -34.56 8.30
CA PHE D 10 -18.42 -34.40 7.48
C PHE D 10 -19.19 -35.69 7.35
N HIS D 11 -20.50 -35.56 7.39
CA HIS D 11 -21.38 -36.70 7.26
C HIS D 11 -21.79 -36.88 5.79
N GLN D 12 -21.85 -38.14 5.36
CA GLN D 12 -22.23 -38.47 3.99
C GLN D 12 -23.52 -37.72 3.74
N ASN D 13 -23.52 -36.92 2.69
CA ASN D 13 -24.68 -36.11 2.32
C ASN D 13 -25.23 -35.27 3.47
N GLU D 14 -24.39 -34.34 3.93
CA GLU D 14 -24.73 -33.40 4.99
C GLU D 14 -25.55 -32.28 4.34
N GLU D 15 -26.69 -31.98 4.95
CA GLU D 15 -27.59 -30.93 4.47
C GLU D 15 -26.90 -29.56 4.40
N GLN D 16 -26.12 -29.25 5.42
CA GLN D 16 -25.41 -27.98 5.54
C GLN D 16 -24.42 -27.59 4.44
N LEU D 17 -24.07 -28.52 3.57
CA LEU D 17 -23.11 -28.22 2.50
C LEU D 17 -23.72 -28.29 1.12
N LYS D 18 -22.93 -27.86 0.14
CA LYS D 18 -23.30 -27.87 -1.25
C LYS D 18 -22.09 -28.37 -1.99
N LEU D 19 -22.04 -29.66 -2.22
CA LEU D 19 -20.92 -30.23 -2.93
C LEU D 19 -21.20 -29.96 -4.39
N GLN D 20 -20.18 -29.57 -5.13
CA GLN D 20 -20.36 -29.29 -6.54
C GLN D 20 -19.30 -30.04 -7.30
N ARG D 21 -19.69 -30.55 -8.46
CA ARG D 21 -18.81 -31.31 -9.32
C ARG D 21 -18.28 -32.54 -8.58
N ASP D 22 -17.00 -32.86 -8.76
CA ASP D 22 -16.41 -34.05 -8.14
C ASP D 22 -16.38 -34.09 -6.64
N ALA D 23 -16.89 -33.06 -5.99
CA ALA D 23 -16.90 -33.01 -4.53
C ALA D 23 -17.66 -34.17 -3.90
N ARG D 24 -16.96 -34.98 -3.12
CA ARG D 24 -17.53 -36.15 -2.45
C ARG D 24 -17.20 -36.24 -0.96
N ILE D 25 -18.10 -36.81 -0.17
CA ILE D 25 -17.81 -36.99 1.26
C ILE D 25 -17.64 -38.48 1.42
N SER D 26 -16.40 -38.93 1.62
CA SER D 26 -16.12 -40.36 1.75
C SER D 26 -16.83 -40.95 2.95
N SER D 27 -16.86 -42.28 2.98
CA SER D 27 -17.52 -43.02 4.04
C SER D 27 -16.90 -42.78 5.42
N ASN D 28 -15.59 -42.55 5.48
CA ASN D 28 -14.98 -42.33 6.78
C ASN D 28 -15.07 -40.88 7.30
N SER D 29 -15.93 -40.07 6.68
CA SER D 29 -16.13 -38.71 7.13
C SER D 29 -15.26 -37.56 6.62
N VAL D 30 -14.53 -37.77 5.54
CA VAL D 30 -13.67 -36.73 4.98
C VAL D 30 -14.20 -36.22 3.64
N LEU D 31 -14.26 -34.90 3.49
CA LEU D 31 -14.73 -34.24 2.29
C LEU D 31 -13.60 -34.17 1.27
N GLU D 32 -13.74 -34.92 0.19
CA GLU D 32 -12.73 -34.98 -0.86
C GLU D 32 -13.17 -34.07 -2.00
N LEU D 33 -12.43 -32.97 -2.18
CA LEU D 33 -12.74 -32.00 -3.22
C LEU D 33 -12.45 -32.54 -4.61
N THR D 34 -11.31 -33.23 -4.75
CA THR D 34 -10.91 -33.79 -6.03
C THR D 34 -11.05 -35.30 -6.01
N LYS D 35 -11.51 -35.83 -7.14
CA LYS D 35 -11.76 -37.27 -7.29
C LYS D 35 -10.61 -38.22 -7.06
N VAL D 36 -10.88 -39.22 -6.21
CA VAL D 36 -9.91 -40.25 -5.87
C VAL D 36 -10.61 -41.62 -5.95
N VAL D 37 -10.27 -42.37 -7.00
CA VAL D 37 -10.85 -43.69 -7.23
C VAL D 37 -9.97 -44.82 -6.69
N ASN D 38 -10.46 -45.51 -5.67
CA ASN D 38 -9.72 -46.62 -5.06
C ASN D 38 -8.34 -46.18 -4.60
N GLY D 39 -8.31 -45.15 -3.74
CA GLY D 39 -7.06 -44.66 -3.20
C GLY D 39 -6.09 -43.95 -4.11
N VAL D 40 -6.49 -43.62 -5.33
CA VAL D 40 -5.60 -42.88 -6.24
C VAL D 40 -6.31 -41.66 -6.84
N PRO D 41 -5.69 -40.49 -6.72
CA PRO D 41 -6.24 -39.23 -7.26
C PRO D 41 -6.18 -39.21 -8.77
N THR D 42 -7.20 -38.62 -9.39
CA THR D 42 -7.26 -38.55 -10.85
C THR D 42 -6.98 -37.11 -11.30
N TRP D 43 -6.66 -36.94 -12.57
CA TRP D 43 -6.41 -35.62 -13.11
C TRP D 43 -7.73 -35.16 -13.72
N ASN D 44 -7.78 -33.94 -14.24
CA ASN D 44 -8.99 -33.40 -14.86
C ASN D 44 -10.15 -33.42 -13.87
N SER D 45 -9.87 -33.23 -12.59
CA SER D 45 -10.91 -33.23 -11.57
C SER D 45 -11.07 -31.87 -10.93
N THR D 46 -12.32 -31.50 -10.68
CA THR D 46 -12.64 -30.21 -10.09
C THR D 46 -13.85 -30.40 -9.18
N GLY D 47 -13.82 -29.78 -8.00
CA GLY D 47 -14.92 -29.91 -7.06
C GLY D 47 -14.95 -28.74 -6.10
N ARG D 48 -16.14 -28.39 -5.65
CA ARG D 48 -16.33 -27.27 -4.74
C ARG D 48 -17.25 -27.74 -3.64
N ALA D 49 -17.31 -27.00 -2.54
CA ALA D 49 -18.18 -27.33 -1.45
C ALA D 49 -18.51 -26.02 -0.74
N LEU D 50 -19.75 -25.56 -0.89
CA LEU D 50 -20.18 -24.31 -0.25
C LEU D 50 -21.04 -24.59 0.97
N TYR D 51 -21.03 -23.64 1.91
CA TYR D 51 -21.87 -23.75 3.08
C TYR D 51 -23.25 -23.37 2.52
N ALA D 52 -24.24 -24.23 2.80
CA ALA D 52 -25.60 -24.06 2.30
C ALA D 52 -26.22 -22.68 2.42
N LYS D 53 -25.99 -22.02 3.54
CA LYS D 53 -26.58 -20.70 3.77
C LYS D 53 -25.62 -19.55 3.49
N PRO D 54 -26.13 -18.50 2.86
CA PRO D 54 -25.31 -17.32 2.55
C PRO D 54 -25.03 -16.53 3.83
N VAL D 55 -23.84 -15.95 3.91
CA VAL D 55 -23.45 -15.17 5.07
C VAL D 55 -23.39 -13.70 4.72
N GLN D 56 -23.97 -12.86 5.57
CA GLN D 56 -23.95 -11.43 5.30
C GLN D 56 -22.63 -10.87 5.80
N VAL D 57 -21.73 -10.54 4.88
CA VAL D 57 -20.43 -9.97 5.26
C VAL D 57 -20.49 -8.48 5.48
N TRP D 58 -21.58 -7.84 5.05
CA TRP D 58 -21.78 -6.42 5.27
C TRP D 58 -23.25 -6.00 5.12
N ASP D 59 -23.53 -4.77 5.50
CA ASP D 59 -24.89 -4.26 5.47
C ASP D 59 -24.91 -2.84 4.89
N SER D 60 -25.67 -2.63 3.81
CA SER D 60 -25.77 -1.33 3.16
C SER D 60 -26.36 -0.32 4.13
N THR D 61 -27.40 -0.75 4.84
CA THR D 61 -28.10 0.07 5.81
C THR D 61 -27.15 0.76 6.80
N THR D 62 -26.37 -0.04 7.50
CA THR D 62 -25.43 0.46 8.50
C THR D 62 -24.06 0.79 7.94
N GLY D 63 -23.68 0.12 6.86
CA GLY D 63 -22.37 0.34 6.28
C GLY D 63 -21.33 -0.45 7.05
N ASN D 64 -21.79 -1.35 7.90
CA ASN D 64 -20.89 -2.17 8.71
C ASN D 64 -20.47 -3.40 7.96
N VAL D 65 -19.19 -3.74 8.08
CA VAL D 65 -18.64 -4.93 7.46
C VAL D 65 -18.25 -5.86 8.60
N ALA D 66 -18.54 -7.15 8.42
CA ALA D 66 -18.29 -8.18 9.42
C ALA D 66 -16.88 -8.70 9.47
N SER D 67 -16.50 -9.14 10.66
CA SER D 67 -15.19 -9.75 10.89
C SER D 67 -15.54 -11.22 10.98
N PHE D 68 -14.61 -12.07 10.61
CA PHE D 68 -14.86 -13.49 10.67
C PHE D 68 -13.58 -14.23 10.99
N GLU D 69 -13.72 -15.52 11.24
CA GLU D 69 -12.60 -16.39 11.52
C GLU D 69 -13.05 -17.78 11.09
N THR D 70 -12.13 -18.50 10.48
CA THR D 70 -12.42 -19.84 10.04
C THR D 70 -11.17 -20.68 10.20
N ARG D 71 -11.38 -21.88 10.72
CA ARG D 71 -10.29 -22.81 10.96
C ARG D 71 -10.62 -24.14 10.32
N PHE D 72 -9.68 -24.69 9.58
CA PHE D 72 -9.91 -25.97 8.95
C PHE D 72 -8.61 -26.75 8.88
N SER D 73 -8.74 -28.05 8.70
CA SER D 73 -7.59 -28.94 8.59
C SER D 73 -7.73 -29.69 7.29
N PHE D 74 -6.73 -29.59 6.43
CA PHE D 74 -6.77 -30.30 5.17
C PHE D 74 -5.62 -31.26 5.12
N SER D 75 -5.48 -31.93 3.99
CA SER D 75 -4.41 -32.88 3.78
C SER D 75 -4.30 -33.03 2.26
N ILE D 76 -3.07 -32.92 1.76
CA ILE D 76 -2.81 -33.06 0.34
C ILE D 76 -1.74 -34.15 0.19
N ARG D 77 -2.12 -35.26 -0.47
CA ARG D 77 -1.19 -36.35 -0.70
C ARG D 77 -0.84 -36.34 -2.16
N GLN D 78 0.45 -36.20 -2.46
CA GLN D 78 0.95 -36.20 -3.82
C GLN D 78 1.61 -37.57 -4.05
N PRO D 79 0.84 -38.56 -4.50
CA PRO D 79 1.35 -39.91 -4.75
C PRO D 79 2.45 -39.95 -5.79
N PHE D 80 2.17 -39.32 -6.93
CA PHE D 80 3.09 -39.26 -8.06
C PHE D 80 3.95 -38.03 -7.85
N PRO D 81 5.24 -38.24 -7.59
CA PRO D 81 6.09 -37.07 -7.39
C PRO D 81 6.95 -36.60 -8.56
N ARG D 82 7.19 -37.46 -9.55
CA ARG D 82 8.06 -37.07 -10.66
C ARG D 82 7.68 -35.99 -11.67
N PRO D 83 6.45 -36.05 -12.24
CA PRO D 83 6.17 -34.98 -13.20
C PRO D 83 5.98 -33.65 -12.45
N HIS D 84 4.87 -33.54 -11.74
CA HIS D 84 4.51 -32.35 -10.99
C HIS D 84 3.07 -32.48 -10.53
N PRO D 85 2.83 -32.36 -9.22
CA PRO D 85 1.47 -32.45 -8.67
C PRO D 85 0.75 -31.15 -9.02
N ALA D 86 -0.56 -31.17 -9.01
CA ALA D 86 -1.34 -29.99 -9.36
C ALA D 86 -2.75 -30.17 -8.83
N ASP D 87 -3.49 -29.10 -8.57
CA ASP D 87 -3.08 -27.73 -8.71
C ASP D 87 -3.17 -26.98 -7.40
N GLY D 88 -3.96 -27.51 -6.48
CA GLY D 88 -4.12 -26.90 -5.18
C GLY D 88 -5.57 -26.80 -4.76
N LEU D 89 -5.81 -26.15 -3.63
CA LEU D 89 -7.15 -25.95 -3.09
C LEU D 89 -7.21 -24.53 -2.54
N VAL D 90 -8.41 -23.97 -2.46
CA VAL D 90 -8.58 -22.61 -1.95
C VAL D 90 -9.80 -22.48 -1.08
N PHE D 91 -9.73 -21.57 -0.11
CA PHE D 91 -10.88 -21.26 0.71
C PHE D 91 -11.34 -20.00 -0.01
N PHE D 92 -12.62 -19.87 -0.30
CA PHE D 92 -13.09 -18.68 -1.00
C PHE D 92 -14.43 -18.14 -0.53
N ILE D 93 -14.59 -16.83 -0.74
CA ILE D 93 -15.81 -16.10 -0.40
C ILE D 93 -16.21 -15.52 -1.74
N ALA D 94 -17.41 -15.87 -2.19
CA ALA D 94 -17.88 -15.41 -3.49
C ALA D 94 -19.35 -15.08 -3.43
N PRO D 95 -19.91 -14.56 -4.53
CA PRO D 95 -21.35 -14.23 -4.58
C PRO D 95 -22.19 -15.49 -4.42
N PRO D 96 -23.37 -15.39 -3.79
CA PRO D 96 -24.20 -16.57 -3.63
C PRO D 96 -24.71 -17.09 -4.96
N ASN D 97 -24.80 -18.42 -5.06
CA ASN D 97 -25.29 -19.10 -6.25
C ASN D 97 -24.40 -19.07 -7.49
N THR D 98 -23.11 -19.33 -7.31
CA THR D 98 -22.17 -19.38 -8.44
C THR D 98 -21.86 -20.84 -8.79
N GLN D 99 -21.29 -21.05 -9.97
CA GLN D 99 -20.97 -22.40 -10.43
C GLN D 99 -19.46 -22.57 -10.59
N THR D 100 -19.03 -23.83 -10.60
CA THR D 100 -17.62 -24.16 -10.73
C THR D 100 -17.01 -23.51 -11.94
N GLY D 101 -15.96 -22.72 -11.70
CA GLY D 101 -15.29 -22.08 -12.81
C GLY D 101 -14.37 -23.10 -13.46
N GLU D 102 -13.29 -22.60 -14.04
CA GLU D 102 -12.32 -23.45 -14.72
C GLU D 102 -11.50 -24.29 -13.73
N GLY D 103 -10.94 -25.38 -14.21
CA GLY D 103 -10.12 -26.22 -13.36
C GLY D 103 -8.67 -25.81 -13.52
N GLY D 104 -7.77 -26.76 -13.28
CA GLY D 104 -6.36 -26.45 -13.40
C GLY D 104 -5.95 -25.37 -12.45
N GLY D 105 -5.15 -24.42 -12.94
CA GLY D 105 -4.66 -23.33 -12.12
C GLY D 105 -5.70 -22.34 -11.63
N TYR D 106 -6.95 -22.49 -12.04
CA TYR D 106 -8.00 -21.57 -11.61
C TYR D 106 -8.82 -22.15 -10.46
N PHE D 107 -8.43 -23.34 -10.04
CA PHE D 107 -9.06 -24.04 -8.92
C PHE D 107 -10.59 -24.14 -8.94
N GLY D 108 -11.23 -23.89 -10.07
CA GLY D 108 -12.68 -23.98 -10.12
C GLY D 108 -13.42 -22.79 -9.53
N ILE D 109 -12.73 -21.65 -9.38
CA ILE D 109 -13.35 -20.46 -8.85
C ILE D 109 -13.31 -19.30 -9.84
N TYR D 110 -12.40 -19.37 -10.81
CA TYR D 110 -12.28 -18.30 -11.78
C TYR D 110 -12.60 -18.75 -13.18
N ASN D 111 -13.42 -17.97 -13.87
CA ASN D 111 -13.78 -18.24 -15.26
C ASN D 111 -13.44 -17.00 -16.07
N PRO D 112 -12.46 -17.08 -16.98
CA PRO D 112 -12.02 -15.95 -17.81
C PRO D 112 -13.12 -15.25 -18.64
N LEU D 113 -13.96 -16.04 -19.29
CA LEU D 113 -15.03 -15.49 -20.12
C LEU D 113 -16.16 -14.80 -19.36
N SER D 114 -16.55 -15.35 -18.21
CA SER D 114 -17.61 -14.76 -17.40
C SER D 114 -17.14 -14.76 -15.95
N PRO D 115 -16.24 -13.83 -15.61
CA PRO D 115 -15.67 -13.70 -14.27
C PRO D 115 -16.60 -13.10 -13.23
N TYR D 116 -16.68 -13.75 -12.07
CA TYR D 116 -17.46 -13.22 -10.97
C TYR D 116 -16.43 -12.84 -9.92
N PRO D 117 -16.80 -11.98 -8.96
CA PRO D 117 -15.86 -11.58 -7.92
C PRO D 117 -15.68 -12.63 -6.83
N PHE D 118 -14.53 -12.63 -6.18
CA PHE D 118 -14.24 -13.58 -5.10
C PHE D 118 -12.99 -13.20 -4.34
N VAL D 119 -12.91 -13.59 -3.07
CA VAL D 119 -11.70 -13.35 -2.27
C VAL D 119 -11.32 -14.77 -1.87
N ALA D 120 -10.07 -15.17 -2.12
CA ALA D 120 -9.66 -16.53 -1.80
C ALA D 120 -8.25 -16.62 -1.23
N VAL D 121 -8.04 -17.64 -0.40
CA VAL D 121 -6.71 -17.93 0.18
C VAL D 121 -6.34 -19.25 -0.48
N GLU D 122 -5.41 -19.20 -1.41
CA GLU D 122 -5.03 -20.38 -2.13
C GLU D 122 -3.84 -21.06 -1.53
N PHE D 123 -3.76 -22.36 -1.82
CA PHE D 123 -2.68 -23.23 -1.40
C PHE D 123 -2.31 -23.89 -2.72
N ASP D 124 -1.41 -23.22 -3.43
CA ASP D 124 -0.97 -23.64 -4.75
C ASP D 124 0.13 -24.66 -4.80
N THR D 125 -0.08 -25.67 -5.64
CA THR D 125 0.85 -26.77 -5.81
C THR D 125 1.51 -26.78 -7.20
N PHE D 126 0.83 -26.23 -8.20
CA PHE D 126 1.40 -26.17 -9.54
C PHE D 126 1.85 -24.74 -9.91
N ARG D 127 3.06 -24.62 -10.46
CA ARG D 127 3.58 -23.33 -10.85
C ARG D 127 3.18 -22.93 -12.27
N ASN D 128 2.09 -22.15 -12.37
CA ASN D 128 1.57 -21.65 -13.64
C ASN D 128 2.49 -20.48 -14.12
N THR D 129 2.12 -19.83 -15.22
CA THR D 129 2.90 -18.70 -15.76
C THR D 129 2.93 -17.47 -14.85
N TRP D 130 1.82 -17.25 -14.15
CA TRP D 130 1.67 -16.12 -13.24
C TRP D 130 2.10 -16.49 -11.82
N ASP D 131 2.90 -17.54 -11.69
CA ASP D 131 3.28 -18.00 -10.37
C ASP D 131 4.73 -17.96 -9.95
N PRO D 132 4.95 -17.81 -8.63
CA PRO D 132 6.26 -17.78 -7.99
C PRO D 132 6.48 -19.23 -7.54
N GLN D 133 7.66 -19.53 -6.98
CA GLN D 133 7.94 -20.88 -6.51
C GLN D 133 6.81 -21.50 -5.69
N ILE D 134 6.46 -22.74 -6.03
CA ILE D 134 5.39 -23.47 -5.36
C ILE D 134 6.00 -24.53 -4.45
N PRO D 135 5.28 -25.00 -3.41
CA PRO D 135 3.95 -24.57 -3.01
C PRO D 135 3.98 -23.18 -2.41
N HIS D 136 2.81 -22.55 -2.28
CA HIS D 136 2.75 -21.24 -1.67
C HIS D 136 1.34 -20.93 -1.29
N ILE D 137 1.19 -20.15 -0.24
CA ILE D 137 -0.12 -19.73 0.23
C ILE D 137 -0.27 -18.43 -0.51
N GLY D 138 -1.50 -18.05 -0.81
CA GLY D 138 -1.71 -16.80 -1.53
C GLY D 138 -3.03 -16.16 -1.22
N ILE D 139 -3.07 -14.84 -1.32
CA ILE D 139 -4.29 -14.09 -1.08
C ILE D 139 -4.72 -13.60 -2.46
N ASP D 140 -5.89 -14.04 -2.91
CA ASP D 140 -6.42 -13.70 -4.22
C ASP D 140 -7.67 -12.88 -4.09
N VAL D 141 -7.73 -11.79 -4.86
CA VAL D 141 -8.88 -10.92 -4.88
C VAL D 141 -9.30 -10.82 -6.35
N ASN D 142 -10.44 -11.42 -6.67
CA ASN D 142 -10.97 -11.43 -8.04
C ASN D 142 -10.03 -11.99 -9.08
N SER D 143 -8.97 -12.63 -8.63
CA SER D 143 -8.00 -13.16 -9.56
C SER D 143 -7.22 -14.30 -8.93
N VAL D 144 -6.51 -15.04 -9.75
CA VAL D 144 -5.71 -16.15 -9.32
C VAL D 144 -4.25 -15.68 -9.23
N ILE D 145 -4.02 -14.44 -9.64
CA ILE D 145 -2.68 -13.90 -9.49
C ILE D 145 -2.71 -13.10 -8.19
N SER D 146 -2.24 -13.81 -7.17
CA SER D 146 -2.17 -13.39 -5.78
C SER D 146 -1.59 -12.02 -5.48
N THR D 147 -2.21 -11.32 -4.55
CA THR D 147 -1.73 -10.00 -4.15
C THR D 147 -0.51 -10.18 -3.26
N LYS D 148 -0.54 -11.26 -2.47
CA LYS D 148 0.55 -11.60 -1.57
C LYS D 148 0.82 -13.08 -1.72
N THR D 149 2.09 -13.45 -1.57
CA THR D 149 2.52 -14.84 -1.72
C THR D 149 3.53 -15.26 -0.65
N VAL D 150 3.38 -16.49 -0.14
CA VAL D 150 4.33 -17.02 0.83
C VAL D 150 4.52 -18.54 0.64
N PRO D 151 5.76 -18.95 0.38
CA PRO D 151 6.06 -20.36 0.18
C PRO D 151 5.96 -21.17 1.46
N PHE D 152 5.82 -22.49 1.31
CA PHE D 152 5.72 -23.40 2.43
C PHE D 152 6.10 -24.77 1.91
N THR D 153 6.76 -25.56 2.75
CA THR D 153 7.11 -26.90 2.32
C THR D 153 5.98 -27.79 2.81
N LEU D 154 5.46 -28.62 1.91
CA LEU D 154 4.33 -29.49 2.22
C LEU D 154 4.62 -30.74 3.04
N ASP D 155 3.67 -31.12 3.89
CA ASP D 155 3.78 -32.34 4.67
C ASP D 155 2.92 -33.30 3.83
N ASN D 156 3.57 -33.96 2.89
CA ASN D 156 2.93 -34.89 1.97
C ASN D 156 2.06 -35.90 2.67
N GLY D 157 0.76 -35.70 2.58
CA GLY D 157 -0.16 -36.62 3.22
C GLY D 157 -0.41 -36.29 4.68
N GLY D 158 0.42 -35.42 5.25
CA GLY D 158 0.23 -35.07 6.65
C GLY D 158 -1.01 -34.20 6.83
N ILE D 159 -1.17 -33.65 8.01
CA ILE D 159 -2.32 -32.79 8.24
C ILE D 159 -1.85 -31.34 8.37
N ALA D 160 -2.70 -30.42 7.90
CA ALA D 160 -2.38 -29.01 7.95
C ALA D 160 -3.49 -28.27 8.65
N ASN D 161 -3.10 -27.41 9.56
CA ASN D 161 -4.02 -26.60 10.32
C ASN D 161 -3.95 -25.20 9.76
N VAL D 162 -5.11 -24.64 9.49
CA VAL D 162 -5.19 -23.31 8.96
C VAL D 162 -6.10 -22.52 9.82
N VAL D 163 -5.71 -21.28 10.05
CA VAL D 163 -6.49 -20.34 10.83
C VAL D 163 -6.54 -19.06 9.97
N ILE D 164 -7.73 -18.73 9.46
CA ILE D 164 -7.90 -17.53 8.65
C ILE D 164 -8.75 -16.56 9.46
N LYS D 165 -8.31 -15.31 9.54
CA LYS D 165 -8.98 -14.29 10.34
C LYS D 165 -9.06 -12.94 9.62
N TYR D 166 -10.20 -12.27 9.75
CA TYR D 166 -10.39 -10.96 9.11
C TYR D 166 -10.98 -9.90 10.04
N ASP D 167 -10.24 -8.80 10.21
CA ASP D 167 -10.72 -7.69 11.02
C ASP D 167 -11.34 -6.65 10.10
N ALA D 168 -12.59 -6.30 10.34
CA ALA D 168 -13.23 -5.30 9.52
C ALA D 168 -12.57 -3.96 9.81
N SER D 169 -12.12 -3.80 11.04
CA SER D 169 -11.48 -2.57 11.49
C SER D 169 -10.20 -2.17 10.76
N THR D 170 -9.32 -3.12 10.54
CA THR D 170 -8.06 -2.84 9.87
C THR D 170 -8.04 -3.37 8.45
N LYS D 171 -9.06 -4.14 8.11
CA LYS D 171 -9.20 -4.75 6.79
C LYS D 171 -8.11 -5.77 6.58
N ILE D 172 -7.50 -6.23 7.66
CA ILE D 172 -6.44 -7.20 7.57
C ILE D 172 -7.00 -8.61 7.50
N LEU D 173 -6.52 -9.33 6.50
CA LEU D 173 -6.89 -10.72 6.31
C LEU D 173 -5.57 -11.42 6.59
N HIS D 174 -5.49 -12.17 7.70
CA HIS D 174 -4.25 -12.89 8.03
C HIS D 174 -4.50 -14.36 8.17
N VAL D 175 -3.71 -15.15 7.44
CA VAL D 175 -3.87 -16.59 7.49
C VAL D 175 -2.60 -17.25 8.00
N VAL D 176 -2.78 -18.27 8.84
CA VAL D 176 -1.65 -19.00 9.41
C VAL D 176 -1.78 -20.45 8.96
N LEU D 177 -0.65 -21.06 8.64
CA LEU D 177 -0.59 -22.45 8.20
C LEU D 177 0.44 -23.18 9.07
N VAL D 178 -0.03 -24.20 9.78
CA VAL D 178 0.83 -24.97 10.66
C VAL D 178 0.72 -26.45 10.35
N PHE D 179 1.85 -27.13 10.15
CA PHE D 179 1.86 -28.58 9.92
C PHE D 179 2.34 -29.16 11.25
N PRO D 180 1.41 -29.56 12.14
CA PRO D 180 1.79 -30.12 13.44
C PRO D 180 2.92 -31.14 13.44
N SER D 181 2.84 -32.18 12.60
CA SER D 181 3.91 -33.18 12.53
C SER D 181 5.27 -32.59 12.24
N LEU D 182 5.31 -31.53 11.44
CA LEU D 182 6.59 -30.89 11.11
C LEU D 182 6.91 -29.75 12.07
N GLY D 183 5.89 -29.26 12.76
CA GLY D 183 6.07 -28.16 13.69
C GLY D 183 6.47 -26.89 12.98
N THR D 184 5.96 -26.74 11.76
CA THR D 184 6.24 -25.57 10.93
C THR D 184 5.04 -24.62 10.87
N ILE D 185 5.33 -23.32 11.03
CA ILE D 185 4.30 -22.30 11.00
C ILE D 185 4.59 -21.35 9.86
N TYR D 186 3.55 -21.02 9.10
CA TYR D 186 3.62 -20.09 7.97
C TYR D 186 2.56 -19.02 8.20
N THR D 187 2.98 -17.77 8.08
CA THR D 187 2.09 -16.63 8.28
C THR D 187 2.10 -15.69 7.07
N ILE D 188 0.91 -15.25 6.67
CA ILE D 188 0.74 -14.32 5.55
C ILE D 188 -0.46 -13.41 5.86
N ALA D 189 -0.37 -12.16 5.41
CA ALA D 189 -1.45 -11.21 5.67
C ALA D 189 -1.43 -10.11 4.61
N ASP D 190 -2.57 -9.45 4.43
CA ASP D 190 -2.69 -8.36 3.47
C ASP D 190 -3.99 -7.63 3.74
N ILE D 191 -4.11 -6.41 3.22
CA ILE D 191 -5.31 -5.62 3.43
C ILE D 191 -6.30 -5.90 2.31
N VAL D 192 -7.56 -6.17 2.66
CA VAL D 192 -8.60 -6.46 1.66
C VAL D 192 -9.93 -5.83 2.06
N ASP D 193 -10.49 -5.01 1.18
CA ASP D 193 -11.76 -4.36 1.47
C ASP D 193 -12.89 -5.22 0.95
N LEU D 194 -13.57 -5.92 1.86
CA LEU D 194 -14.68 -6.79 1.46
C LEU D 194 -15.84 -6.06 0.81
N LYS D 195 -16.14 -4.87 1.29
CA LYS D 195 -17.23 -4.04 0.78
C LYS D 195 -16.96 -3.63 -0.67
N GLN D 196 -15.70 -3.32 -0.96
CA GLN D 196 -15.25 -2.92 -2.28
C GLN D 196 -15.18 -4.05 -3.28
N VAL D 197 -15.17 -5.28 -2.78
CA VAL D 197 -15.05 -6.43 -3.68
C VAL D 197 -16.21 -7.42 -3.74
N LEU D 198 -16.92 -7.61 -2.62
CA LEU D 198 -18.03 -8.56 -2.54
C LEU D 198 -19.33 -7.94 -2.09
N PRO D 199 -20.47 -8.54 -2.49
CA PRO D 199 -21.79 -8.05 -2.12
C PRO D 199 -22.16 -8.33 -0.65
N GLU D 200 -23.30 -7.82 -0.20
CA GLU D 200 -23.74 -8.02 1.18
C GLU D 200 -23.76 -9.47 1.61
N SER D 201 -24.36 -10.33 0.80
CA SER D 201 -24.42 -11.75 1.13
C SER D 201 -23.52 -12.52 0.17
N VAL D 202 -22.81 -13.49 0.73
CA VAL D 202 -21.89 -14.33 -0.03
C VAL D 202 -21.96 -15.80 0.39
N ASN D 203 -21.20 -16.63 -0.34
CA ASN D 203 -21.10 -18.06 -0.06
C ASN D 203 -19.63 -18.28 0.29
N VAL D 204 -19.37 -18.93 1.42
CA VAL D 204 -18.00 -19.25 1.79
C VAL D 204 -17.87 -20.75 1.60
N GLY D 205 -16.75 -21.19 1.06
CA GLY D 205 -16.53 -22.60 0.85
C GLY D 205 -15.12 -22.90 0.40
N PHE D 206 -14.93 -24.08 -0.18
CA PHE D 206 -13.64 -24.53 -0.68
C PHE D 206 -13.82 -25.00 -2.10
N SER D 207 -12.69 -25.12 -2.79
CA SER D 207 -12.64 -25.59 -4.16
C SER D 207 -11.22 -26.07 -4.39
N ALA D 208 -11.05 -26.99 -5.32
CA ALA D 208 -9.74 -27.52 -5.63
C ALA D 208 -9.74 -28.01 -7.07
N ALA D 209 -8.57 -28.33 -7.57
CA ALA D 209 -8.47 -28.82 -8.93
C ALA D 209 -7.22 -29.64 -9.11
N THR D 210 -7.24 -30.52 -10.10
CA THR D 210 -6.08 -31.36 -10.42
C THR D 210 -5.62 -31.03 -11.85
N GLY D 211 -4.55 -31.68 -12.29
CA GLY D 211 -4.01 -31.45 -13.62
C GLY D 211 -4.98 -31.46 -14.78
N ASP D 212 -4.83 -30.47 -15.66
CA ASP D 212 -5.67 -30.30 -16.84
C ASP D 212 -5.14 -31.22 -17.94
N PRO D 213 -6.04 -31.86 -18.71
CA PRO D 213 -5.63 -32.76 -19.79
C PRO D 213 -4.68 -32.09 -20.77
N SER D 214 -4.85 -30.78 -20.96
CA SER D 214 -4.01 -30.00 -21.87
C SER D 214 -2.55 -29.90 -21.43
N GLY D 215 -2.17 -30.68 -20.43
CA GLY D 215 -0.81 -30.67 -19.95
C GLY D 215 -0.16 -32.01 -20.19
N LYS D 216 -0.96 -32.99 -20.61
CA LYS D 216 -0.49 -34.36 -20.90
C LYS D 216 -0.03 -35.21 -19.72
N GLN D 217 0.39 -34.57 -18.63
CA GLN D 217 0.82 -35.34 -17.49
C GLN D 217 -0.36 -35.83 -16.67
N ARG D 218 -0.66 -37.11 -16.82
CA ARG D 218 -1.75 -37.75 -16.10
C ARG D 218 -1.39 -37.89 -14.61
N ASN D 219 -0.11 -37.69 -14.32
CA ASN D 219 0.39 -37.78 -12.96
C ASN D 219 0.35 -36.45 -12.25
N ALA D 220 -0.18 -35.44 -12.94
CA ALA D 220 -0.28 -34.09 -12.38
C ALA D 220 -1.52 -34.08 -11.49
N THR D 221 -1.38 -34.66 -10.29
CA THR D 221 -2.49 -34.73 -9.36
C THR D 221 -2.04 -35.03 -7.92
N GLU D 222 -3.02 -34.96 -7.03
CA GLU D 222 -2.84 -35.18 -5.61
C GLU D 222 -4.26 -35.13 -5.06
N THR D 223 -4.39 -35.37 -3.76
CA THR D 223 -5.70 -35.31 -3.11
C THR D 223 -5.87 -33.90 -2.55
N HIS D 224 -7.08 -33.56 -2.12
CA HIS D 224 -7.40 -32.27 -1.54
C HIS D 224 -8.53 -32.59 -0.58
N ASP D 225 -8.20 -33.05 0.61
CA ASP D 225 -9.23 -33.41 1.57
C ASP D 225 -9.34 -32.37 2.66
N ILE D 226 -10.56 -32.12 3.12
CA ILE D 226 -10.79 -31.16 4.18
C ILE D 226 -11.29 -31.99 5.36
N LEU D 227 -10.43 -32.15 6.35
CA LEU D 227 -10.75 -32.93 7.54
C LEU D 227 -11.82 -32.27 8.41
N SER D 228 -11.63 -31.03 8.82
CA SER D 228 -12.62 -30.35 9.64
C SER D 228 -12.80 -28.89 9.19
N TRP D 229 -13.75 -28.18 9.81
CA TRP D 229 -14.02 -26.82 9.43
C TRP D 229 -14.98 -26.13 10.39
N SER D 230 -14.59 -24.95 10.86
CA SER D 230 -15.40 -24.14 11.79
C SER D 230 -15.37 -22.72 11.24
N PHE D 231 -16.46 -21.98 11.44
CA PHE D 231 -16.55 -20.63 10.92
C PHE D 231 -17.40 -19.75 11.82
N SER D 232 -16.94 -18.54 12.07
CA SER D 232 -17.67 -17.61 12.91
C SER D 232 -17.49 -16.23 12.31
N ALA D 233 -18.58 -15.47 12.23
CA ALA D 233 -18.55 -14.13 11.67
C ALA D 233 -19.50 -13.29 12.49
N SER D 234 -19.24 -12.01 12.55
CA SER D 234 -20.10 -11.14 13.32
C SER D 234 -20.33 -9.84 12.59
N LEU D 235 -21.60 -9.53 12.34
CA LEU D 235 -21.94 -8.28 11.69
C LEU D 235 -22.47 -7.42 12.82
N PRO D 236 -21.75 -6.34 13.16
CA PRO D 236 -22.16 -5.44 14.24
C PRO D 236 -23.58 -4.91 13.98
N GLY D 237 -23.85 -4.61 12.72
CA GLY D 237 -25.16 -4.13 12.33
C GLY D 237 -25.86 -5.27 11.62
C1 NAG E . -13.99 21.27 -44.34
C2 NAG E . -15.31 21.87 -44.04
C3 NAG E . -15.63 23.02 -44.99
C4 NAG E . -14.52 24.00 -45.07
C5 NAG E . -13.21 23.29 -45.32
C6 NAG E . -12.03 24.22 -45.15
C7 NAG E . -17.32 20.52 -43.82
C8 NAG E . -18.06 19.28 -44.27
N2 NAG E . -16.14 20.72 -44.37
O3 NAG E . -16.79 23.76 -44.63
O4 NAG E . -14.80 24.87 -46.15
O5 NAG E . -13.02 22.26 -44.39
O6 NAG E . -11.83 24.45 -43.77
O7 NAG E . -17.77 21.25 -42.93
C1 FUC E . -17.79 23.73 -45.63
C2 FUC E . -19.25 24.02 -45.54
C3 FUC E . -19.63 25.34 -46.28
C4 FUC E . -18.91 25.49 -47.69
C5 FUC E . -17.46 24.97 -47.62
C6 FUC E . -16.77 24.83 -48.98
O2 FUC E . -19.58 24.16 -44.18
O3 FUC E . -21.03 25.38 -46.49
O4 FUC E . -19.54 24.83 -48.75
O5 FUC E . -17.42 23.68 -47.01
C1 NAG E . -14.52 26.24 -46.42
C2 NAG E . -13.91 27.02 -47.61
C3 NAG E . -13.78 28.54 -47.28
C4 NAG E . -14.97 29.10 -46.45
C5 NAG E . -15.16 28.29 -45.11
C6 NAG E . -16.64 28.01 -44.70
C7 NAG E . -12.42 25.41 -48.77
C8 NAG E . -10.98 25.15 -49.20
N2 NAG E . -12.62 26.55 -48.12
O3 NAG E . -13.74 29.29 -48.50
O4 NAG E . -14.73 30.48 -46.14
O5 NAG E . -14.47 27.04 -45.22
O6 NAG E . -16.76 27.22 -43.53
O7 NAG E . -13.31 24.60 -48.99
C1 NAG F . -8.82 4.23 -46.15
C2 NAG F . -9.31 4.06 -47.62
C3 NAG F . -9.17 2.57 -48.01
C4 NAG F . -7.66 2.28 -47.95
C5 NAG F . -7.20 2.37 -46.47
C6 NAG F . -5.68 2.22 -46.28
C7 NAG F . -11.03 5.68 -48.28
C8 NAG F . -12.50 5.99 -48.37
N2 NAG F . -10.70 4.50 -47.78
O3 NAG F . -9.75 2.25 -49.27
O4 NAG F . -7.36 1.03 -48.51
O5 NAG F . -7.51 3.64 -45.94
O6 NAG F . -5.00 3.35 -46.81
O7 NAG F . -10.20 6.52 -48.67
C1 NAG F . -6.55 0.25 -49.36
C2 NAG F . -6.59 -1.20 -48.77
C3 NAG F . -5.23 -1.84 -49.11
C4 NAG F . -5.19 -2.02 -50.66
C5 NAG F . -5.17 -0.57 -51.32
C6 NAG F . -5.25 -0.57 -52.89
C7 NAG F . -8.04 -1.67 -46.82
C8 NAG F . -8.16 -1.67 -45.30
N2 NAG F . -6.88 -1.26 -47.33
O3 NAG F . -5.00 -3.06 -48.43
O4 NAG F . -4.06 -2.83 -51.02
O5 NAG F . -6.32 0.22 -50.81
O6 NAG F . -6.48 -1.11 -53.35
O7 NAG F . -9.00 -2.03 -47.51
C1 NAG G . 26.00 34.19 4.33
C2 NAG G . 27.45 33.64 4.35
C3 NAG G . 28.54 34.72 4.09
C4 NAG G . 28.09 35.52 2.84
C5 NAG G . 26.62 35.99 2.87
C6 NAG G . 26.04 36.79 1.70
C7 NAG G . 28.03 31.78 5.82
C8 NAG G . 28.20 31.26 7.23
N2 NAG G . 27.65 33.05 5.66
O3 NAG G . 29.88 34.17 3.94
O4 NAG G . 28.88 36.68 2.80
O5 NAG G . 25.78 34.84 3.08
O6 NAG G . 26.02 36.15 0.45
O7 NAG G . 28.22 31.02 4.88
C1 NAG G . 29.54 37.56 1.95
C2 NAG G . 29.58 39.03 1.68
C3 NAG G . 29.86 39.27 0.20
C4 NAG G . 30.77 38.18 -0.33
C5 NAG G . 29.93 36.89 -0.37
C6 NAG G . 30.71 35.55 -0.42
C7 NAG G . 28.25 40.51 3.07
C8 NAG G . 26.92 41.14 3.42
N2 NAG G . 28.32 39.64 2.06
O3 NAG G . 30.44 40.51 -0.05
O4 NAG G . 31.29 38.54 -1.60
O5 NAG G . 29.07 36.88 0.78
O6 NAG G . 31.00 34.97 0.86
O7 NAG G . 29.24 40.81 3.74
C1 NAG H . 13.91 34.74 17.54
C2 NAG H . 14.83 35.29 18.59
C3 NAG H . 14.16 35.20 19.94
C4 NAG H . 12.96 36.14 19.96
C5 NAG H . 11.95 35.45 18.99
C6 NAG H . 10.66 36.27 18.83
C7 NAG H . 17.18 35.13 18.06
C8 NAG H . 18.43 34.34 18.35
N2 NAG H . 16.11 34.67 18.71
O3 NAG H . 15.05 35.46 20.94
O4 NAG H . 12.48 36.37 21.26
O5 NAG H . 12.56 35.29 17.67
O6 NAG H . 10.97 37.53 18.25
O7 NAG H . 17.11 36.08 17.28
C1 FUC H . 15.50 36.17 22.00
C2 FUC H . 16.53 37.18 22.23
C3 FUC H . 15.80 38.33 22.84
C4 FUC H . 15.14 37.88 24.19
C5 FUC H . 14.26 36.61 24.01
C6 FUC H . 13.83 35.82 25.27
O2 FUC H . 17.18 37.49 21.03
O3 FUC H . 16.76 39.35 23.03
O4 FUC H . 16.13 37.61 25.14
O5 FUC H . 14.95 35.67 23.19
C1 NAG H . 11.67 37.32 21.97
C2 NAG H . 10.90 38.59 22.38
C3 NAG H . 10.15 38.45 23.68
C4 NAG H . 9.20 37.25 23.63
C5 NAG H . 10.04 35.95 23.35
C6 NAG H . 9.06 34.71 23.14
C7 NAG H . 12.48 40.31 21.66
C8 NAG H . 13.20 41.57 22.07
N2 NAG H . 11.69 39.79 22.58
O3 NAG H . 9.42 39.62 23.95
O4 NAG H . 8.52 37.22 24.88
O5 NAG H . 10.83 36.14 22.12
O6 NAG H . 9.63 33.45 23.49
O7 NAG H . 12.67 39.77 20.56
C1 NAG I . 1.51 -18.83 47.92
C2 NAG I . 0.18 -18.85 48.58
C3 NAG I . -0.07 -20.01 49.51
C4 NAG I . 0.20 -21.29 48.75
C5 NAG I . 1.57 -21.24 48.02
C6 NAG I . 1.82 -22.40 47.07
C7 NAG I . -0.85 -16.82 49.28
C8 NAG I . -0.88 -15.62 50.19
N2 NAG I . 0.13 -17.70 49.42
O3 NAG I . -1.39 -20.00 50.06
O4 NAG I . 0.23 -22.29 49.72
O5 NAG I . 1.62 -20.06 47.24
O6 NAG I . 0.83 -22.34 46.02
O7 NAG I . -1.70 -16.91 48.41
C1 FUC I . -2.74 -20.12 49.66
C2 FUC I . -4.07 -19.37 49.46
C3 FUC I . -5.15 -20.25 48.74
C4 FUC I . -5.41 -21.48 49.67
C5 FUC I . -4.03 -22.16 50.05
C6 FUC I . -4.21 -23.18 51.17
O2 FUC I . -3.94 -18.17 48.70
O3 FUC I . -6.31 -19.45 48.48
O4 FUC I . -6.13 -21.15 50.89
O5 FUC I . -3.02 -21.21 50.56
C1 NAG I . 0.24 -23.64 49.44
C2 NAG I . 0.86 -24.72 50.31
C3 NAG I . 0.16 -26.10 50.11
C4 NAG I . -1.37 -25.93 50.05
C5 NAG I . -1.58 -25.03 48.83
C6 NAG I . -2.94 -24.96 48.17
C7 NAG I . 3.22 -24.06 50.46
C8 NAG I . 4.68 -24.28 50.04
N2 NAG I . 2.29 -24.86 49.94
O3 NAG I . 0.46 -26.99 51.18
O4 NAG I . -2.03 -27.18 49.97
O5 NAG I . -1.19 -23.74 49.25
O6 NAG I . -2.94 -23.98 47.12
O7 NAG I . 2.95 -23.15 51.24
C1 NAG J . 3.58 -41.30 -13.44
C2 NAG J . 4.95 -40.76 -13.89
C3 NAG J . 5.95 -41.92 -13.83
C4 NAG J . 5.89 -42.65 -12.49
C5 NAG J . 4.49 -43.11 -12.08
C6 NAG J . 4.52 -43.65 -10.64
C7 NAG J . 5.68 -39.43 -15.82
C8 NAG J . 5.42 -39.01 -17.22
N2 NAG J . 4.79 -40.26 -15.27
O3 NAG J . 7.30 -41.50 -14.03
O4 NAG J . 6.68 -43.81 -12.57
O5 NAG J . 3.64 -41.98 -12.17
O6 NAG J . 5.11 -42.71 -9.75
O7 NAG J . 6.64 -38.95 -15.20
C1 FUC J . 8.40 -41.90 -14.84
C2 FUC J . 9.80 -41.86 -15.46
C3 FUC J . 10.42 -43.24 -15.26
C4 FUC J . 9.55 -44.41 -15.83
C5 FUC J . 8.06 -44.22 -15.52
C6 FUC J . 7.03 -44.98 -16.34
O2 FUC J . 10.69 -40.85 -14.98
O3 FUC J . 11.65 -43.20 -15.96
O4 FUC J . 9.72 -44.47 -17.22
O5 FUC J . 7.69 -42.86 -15.67
C1 NAG J . 8.05 -43.87 -12.18
C2 NAG J . 8.52 -45.24 -11.70
C3 NAG J . 9.39 -45.22 -10.41
C4 NAG J . 10.31 -43.97 -10.39
C5 NAG J . 9.42 -42.76 -10.59
C6 NAG J . 9.98 -41.39 -10.24
C7 NAG J . 7.11 -47.20 -11.52
C8 NAG J . 5.76 -47.77 -11.11
N2 NAG J . 7.27 -45.90 -11.35
O3 NAG J . 10.20 -46.38 -10.28
O4 NAG J . 11.00 -43.88 -9.15
O5 NAG J . 9.04 -42.85 -11.97
O6 NAG J . 8.93 -40.61 -9.67
O7 NAG J . 7.99 -47.92 -11.99
C1 NAG K . -12.06 -34.02 -18.64
C2 NAG K . -12.39 -34.61 -20.04
C3 NAG K . -13.41 -33.74 -20.85
C4 NAG K . -14.67 -33.63 -19.94
C5 NAG K . -14.19 -32.80 -18.69
C6 NAG K . -15.16 -32.07 -17.68
C7 NAG K . -10.32 -35.71 -20.60
C8 NAG K . -9.15 -35.85 -21.59
N2 NAG K . -11.25 -34.81 -20.90
O3 NAG K . -13.71 -34.20 -22.18
O4 NAG K . -15.69 -33.06 -20.70
O5 NAG K . -13.30 -33.70 -17.95
O6 NAG K . -16.15 -32.85 -17.07
O7 NAG K . -10.36 -36.39 -19.58
C1 FUC K . -14.28 -34.94 -23.26
C2 FUC K . -15.82 -34.93 -23.22
C3 FUC K . -16.25 -33.56 -23.77
C4 FUC K . -15.88 -33.47 -25.29
C5 FUC K . -14.35 -33.84 -25.50
C6 FUC K . -14.11 -34.25 -27.00
O2 FUC K . -16.37 -35.19 -21.94
O3 FUC K . -17.64 -33.35 -23.58
O4 FUC K . -16.72 -34.31 -26.07
O5 FUC K . -13.91 -34.97 -24.65
C1 NAG K . -16.79 -32.26 -20.44
C2 NAG K . -16.94 -30.86 -21.07
C3 NAG K . -18.32 -30.31 -20.86
C4 NAG K . -19.39 -31.34 -21.24
C5 NAG K . -19.17 -32.68 -20.50
C6 NAG K . -20.23 -33.80 -20.76
C7 NAG K . -14.71 -29.83 -20.68
C8 NAG K . -14.02 -28.69 -19.95
N2 NAG K . -16.03 -29.88 -20.50
O3 NAG K . -18.42 -29.15 -21.66
O4 NAG K . -20.65 -30.81 -20.91
O5 NAG K . -17.84 -33.14 -20.85
O6 NAG K . -20.63 -34.04 -22.12
O7 NAG K . -14.10 -30.65 -21.36
C1 AMG L . -16.89 7.41 -36.91
C2 AMG L . -15.79 6.88 -35.96
C3 AMG L . -15.30 8.00 -35.05
C4 AMG L . -14.79 9.16 -35.93
C5 AMG L . -15.88 9.66 -36.90
C6 AMG L . -15.29 10.73 -37.85
C7 AMG L . -18.94 8.54 -37.00
O1 AMG L . -18.02 7.84 -36.18
O2 AMG L . -16.24 5.81 -35.13
O3 AMG L . -14.28 7.52 -34.20
O4 AMG L . -13.67 8.73 -36.69
O5 AMG L . -16.34 8.51 -37.66
O6 AMG L . -16.26 11.61 -38.42
MN MN M . -12.77 8.85 -24.48
CA CA N . -13.34 9.24 -28.93
C1 AMG O . 17.90 23.61 12.84
C2 AMG O . 16.46 23.40 12.47
C3 AMG O . 16.32 23.42 10.95
C4 AMG O . 16.91 24.65 10.33
C5 AMG O . 18.32 24.97 10.87
C6 AMG O . 18.94 26.32 10.54
C7 AMG O . 20.03 22.47 12.41
O1 AMG O . 18.60 22.43 12.34
O2 AMG O . 16.10 22.14 12.96
O3 AMG O . 14.95 23.44 10.66
O4 AMG O . 16.03 25.68 10.68
O5 AMG O . 18.29 24.89 12.27
O6 AMG O . 20.33 26.24 10.28
MN MN P . 10.40 16.92 4.29
CA CA Q . 13.15 20.04 6.28
C1 AMG R . 0.85 -4.36 40.95
C2 AMG R . 1.53 -4.13 39.55
C3 AMG R . 1.27 -5.27 38.61
C4 AMG R . 1.64 -6.58 39.36
C5 AMG R . 0.95 -6.79 40.68
C6 AMG R . 1.33 -8.03 41.48
C7 AMG R . -1.41 -4.60 41.96
O1 AMG R . -0.57 -4.18 40.88
O2 AMG R . 1.06 -2.97 38.88
O3 AMG R . 2.05 -4.97 37.48
O4 AMG R . 2.97 -6.55 39.69
O5 AMG R . 1.24 -5.67 41.49
O6 AMG R . 0.45 -8.10 42.57
MN MN S . -1.77 -5.75 28.26
CA CA T . -0.88 -6.13 32.42
C1 AMG U . -1.80 -27.03 -17.35
C2 AMG U . -2.67 -26.28 -16.36
C3 AMG U . -2.09 -26.38 -14.94
C4 AMG U . -2.01 -27.86 -14.52
C5 AMG U . -1.16 -28.60 -15.54
C6 AMG U . -1.16 -30.09 -15.35
C7 AMG U . 0.38 -26.87 -18.40
O1 AMG U . -0.61 -26.31 -17.55
O2 AMG U . -2.80 -24.92 -16.71
O3 AMG U . -2.91 -25.66 -14.04
O4 AMG U . -3.34 -28.38 -14.46
O5 AMG U . -1.64 -28.39 -16.85
O6 AMG U . 0.00 -30.73 -15.81
MN MN V . -0.65 -18.91 -7.14
CA CA W . -0.89 -22.62 -9.88
#